data_5IY4
#
_entry.id   5IY4
#
_cell.length_a   71.647
_cell.length_b   71.647
_cell.length_c   322.208
_cell.angle_alpha   90.00
_cell.angle_beta   90.00
_cell.angle_gamma   90.00
#
_symmetry.space_group_name_H-M   'P 43 21 2'
#
loop_
_entity.id
_entity.type
_entity.pdbx_description
1 polymer 'Proliferating cell nuclear antigen'
2 polymer 'DVC1 PIP box'
#
loop_
_entity_poly.entity_id
_entity_poly.type
_entity_poly.pdbx_seq_one_letter_code
_entity_poly.pdbx_strand_id
1 'polypeptide(L)'
;MFEARLVQGSILKKVLEALKDLINEACWDISSSGVNLQSMDSSHVSLVQLTLRSEGFDTYRCDRNLAMGVNLTSMSKILK
CAGNEDIITLRAEDNADTLALVFEAPNQEKVSDYEMKLMDLDVEQLGIPEQEYSCVVKMPSGEFARICRDLSHIGDAVVI
SCAKDGVKFSASGELGNGNIKLSQTSNVDKEEEAVTIEMNEPVQLTFALRYLNFFTKATPLSSTVTLSMSADVPLVVEYK
IADMGHLKYYLAPKIEDEEGSLEHHHHHHH
;
A,C,E
2 'polypeptide(L)' SNSHQNVLSNYFPRVS B,D,F
#
# COMPACT_ATOMS: atom_id res chain seq x y z
N MET A 1 -35.93 25.01 3.19
CA MET A 1 -35.27 23.76 3.58
C MET A 1 -35.27 22.75 2.42
N PHE A 2 -34.12 22.09 2.30
CA PHE A 2 -33.83 20.99 1.38
C PHE A 2 -33.20 19.83 2.14
N GLU A 3 -33.75 18.63 1.96
CA GLU A 3 -33.33 17.43 2.68
C GLU A 3 -33.28 16.19 1.81
N ALA A 4 -32.12 15.54 1.73
CA ALA A 4 -31.98 14.31 0.96
C ALA A 4 -31.28 13.26 1.81
N ARG A 5 -31.86 12.07 1.85
CA ARG A 5 -31.36 11.00 2.70
C ARG A 5 -31.10 9.74 1.88
N LEU A 6 -29.97 9.07 2.15
CA LEU A 6 -29.60 7.94 1.33
C LEU A 6 -29.12 6.87 2.27
N VAL A 7 -29.84 5.75 2.33
CA VAL A 7 -29.57 4.72 3.34
C VAL A 7 -28.31 3.94 2.96
N GLN A 8 -28.06 3.84 1.67
CA GLN A 8 -26.77 3.36 1.24
C GLN A 8 -25.88 4.51 0.88
N GLY A 9 -25.14 4.99 1.87
CA GLY A 9 -24.34 6.17 1.70
C GLY A 9 -23.12 6.04 0.80
N SER A 10 -22.64 4.81 0.59
CA SER A 10 -21.44 4.54 -0.20
C SER A 10 -21.52 5.11 -1.59
N ILE A 11 -22.75 5.17 -2.10
CA ILE A 11 -23.07 5.77 -3.39
C ILE A 11 -22.45 7.13 -3.54
N LEU A 12 -22.58 7.92 -2.49
CA LEU A 12 -22.18 9.30 -2.50
C LEU A 12 -20.68 9.45 -2.33
N LYS A 13 -20.12 8.54 -1.56
CA LYS A 13 -18.69 8.47 -1.33
C LYS A 13 -18.02 8.22 -2.66
N LYS A 14 -18.59 7.30 -3.41
CA LYS A 14 -18.05 6.90 -4.70
C LYS A 14 -18.19 8.02 -5.74
N VAL A 15 -19.25 8.81 -5.64
CA VAL A 15 -19.43 9.94 -6.53
C VAL A 15 -18.34 10.96 -6.31
N LEU A 16 -18.12 11.32 -5.06
CA LEU A 16 -17.12 12.32 -4.72
C LEU A 16 -15.76 11.81 -5.16
N GLU A 17 -15.52 10.51 -4.98
CA GLU A 17 -14.25 9.93 -5.37
C GLU A 17 -14.12 10.00 -6.88
N ALA A 18 -15.26 10.01 -7.55
CA ALA A 18 -15.29 9.99 -9.00
C ALA A 18 -15.16 11.37 -9.58
N LEU A 19 -15.25 12.38 -8.72
CA LEU A 19 -15.19 13.74 -9.20
C LEU A 19 -13.96 14.48 -8.73
N LYS A 20 -13.56 14.26 -7.49
CA LYS A 20 -12.73 15.21 -6.74
C LYS A 20 -11.33 15.46 -7.32
N ASP A 21 -10.82 14.51 -8.09
CA ASP A 21 -9.50 14.68 -8.70
C ASP A 21 -9.58 15.42 -10.03
N LEU A 22 -10.76 15.46 -10.64
CA LEU A 22 -10.95 16.07 -11.94
C LEU A 22 -11.32 17.52 -11.85
N ILE A 23 -12.16 17.85 -10.87
CA ILE A 23 -12.64 19.22 -10.73
C ILE A 23 -12.62 19.64 -9.27
N ASN A 24 -12.29 20.90 -9.01
CA ASN A 24 -12.08 21.37 -7.65
C ASN A 24 -13.34 22.01 -7.11
N GLU A 25 -14.06 22.70 -7.98
CA GLU A 25 -15.28 23.39 -7.60
C GLU A 25 -16.42 23.06 -8.53
N ALA A 26 -17.63 23.26 -8.07
CA ALA A 26 -18.79 22.96 -8.86
C ALA A 26 -20.04 23.44 -8.19
N CYS A 27 -21.11 23.51 -8.95
CA CYS A 27 -22.37 23.99 -8.44
C CYS A 27 -23.38 22.85 -8.50
N TRP A 28 -24.07 22.64 -7.39
CA TRP A 28 -25.06 21.58 -7.32
C TRP A 28 -26.42 22.20 -7.59
N ASP A 29 -27.04 21.78 -8.66
CA ASP A 29 -28.38 22.24 -8.95
C ASP A 29 -29.37 21.34 -8.24
N ILE A 30 -30.02 21.87 -7.22
CA ILE A 30 -31.05 21.13 -6.49
C ILE A 30 -32.45 21.48 -6.98
N SER A 31 -33.18 20.43 -7.37
CA SER A 31 -34.54 20.53 -7.94
C SER A 31 -35.42 19.35 -7.48
N SER A 32 -36.74 19.50 -7.58
CA SER A 32 -37.65 18.50 -7.04
C SER A 32 -37.60 17.21 -7.84
N SER A 33 -36.79 17.20 -8.89
CA SER A 33 -36.72 16.07 -9.79
C SER A 33 -35.44 15.33 -9.51
N GLY A 34 -34.64 15.89 -8.61
CA GLY A 34 -33.37 15.30 -8.24
C GLY A 34 -32.23 16.30 -8.22
N VAL A 35 -31.00 15.81 -8.39
CA VAL A 35 -29.79 16.64 -8.34
C VAL A 35 -29.04 16.60 -9.65
N ASN A 36 -28.63 17.75 -10.17
CA ASN A 36 -27.73 17.78 -11.31
C ASN A 36 -26.44 18.44 -10.90
N LEU A 37 -25.34 17.95 -11.43
CA LEU A 37 -24.05 18.61 -11.25
C LEU A 37 -23.30 18.57 -12.56
N GLN A 38 -22.66 19.67 -12.90
CA GLN A 38 -21.91 19.74 -14.14
C GLN A 38 -20.74 20.66 -14.02
N SER A 39 -19.63 20.27 -14.62
CA SER A 39 -18.43 21.09 -14.57
C SER A 39 -17.40 20.66 -15.61
N MET A 40 -16.57 21.62 -16.02
CA MET A 40 -15.42 21.34 -16.85
C MET A 40 -14.20 21.21 -15.96
N ASP A 41 -13.12 20.69 -16.50
CA ASP A 41 -11.89 20.75 -15.76
C ASP A 41 -11.25 22.06 -16.11
N SER A 42 -10.20 22.44 -15.39
CA SER A 42 -9.52 23.72 -15.60
C SER A 42 -9.08 23.90 -17.05
N SER A 43 -8.69 22.82 -17.71
CA SER A 43 -8.17 22.91 -19.08
C SER A 43 -9.29 23.02 -20.11
N HIS A 44 -10.53 22.74 -19.68
CA HIS A 44 -11.74 22.80 -20.51
C HIS A 44 -11.80 21.75 -21.62
N VAL A 45 -11.08 20.67 -21.43
CA VAL A 45 -11.03 19.60 -22.40
C VAL A 45 -12.08 18.53 -22.07
N SER A 46 -12.37 18.35 -20.80
CA SER A 46 -13.37 17.39 -20.38
C SER A 46 -14.48 18.04 -19.60
N LEU A 47 -15.57 17.32 -19.47
CA LEU A 47 -16.72 17.76 -18.70
C LEU A 47 -17.33 16.56 -17.99
N VAL A 48 -18.00 16.80 -16.88
CA VAL A 48 -18.60 15.70 -16.19
C VAL A 48 -19.99 16.18 -15.83
N GLN A 49 -20.97 15.33 -16.06
CA GLN A 49 -22.34 15.67 -15.77
C GLN A 49 -22.88 14.60 -14.88
N LEU A 50 -23.42 15.00 -13.75
CA LEU A 50 -23.94 14.05 -12.79
C LEU A 50 -25.44 14.25 -12.61
N THR A 51 -26.20 13.17 -12.72
CA THR A 51 -27.62 13.20 -12.46
C THR A 51 -28.00 12.19 -11.39
N LEU A 52 -28.76 12.65 -10.41
CA LEU A 52 -29.30 11.80 -9.35
C LEU A 52 -30.76 12.11 -9.10
N ARG A 53 -31.65 11.22 -9.52
CA ARG A 53 -33.09 11.45 -9.49
C ARG A 53 -33.67 11.37 -8.07
N SER A 54 -34.68 12.20 -7.79
CA SER A 54 -35.44 12.17 -6.55
C SER A 54 -35.78 10.76 -6.05
N GLU A 55 -36.22 9.90 -6.96
CA GLU A 55 -36.81 8.63 -6.56
C GLU A 55 -35.79 7.51 -6.31
N GLY A 56 -34.52 7.84 -6.38
CA GLY A 56 -33.45 6.91 -6.07
C GLY A 56 -33.06 7.07 -4.61
N PHE A 57 -33.63 8.10 -4.00
CA PHE A 57 -33.48 8.34 -2.59
C PHE A 57 -34.58 7.73 -1.78
N ASP A 58 -34.31 7.58 -0.49
CA ASP A 58 -35.23 7.01 0.44
C ASP A 58 -36.04 8.12 1.10
N THR A 59 -35.52 9.33 1.03
CA THR A 59 -36.23 10.50 1.50
C THR A 59 -35.73 11.74 0.79
N TYR A 60 -36.52 12.25 -0.15
CA TYR A 60 -36.19 13.47 -0.89
C TYR A 60 -37.23 14.57 -0.65
N ARG A 61 -36.75 15.77 -0.35
CA ARG A 61 -37.61 16.92 -0.04
C ARG A 61 -36.94 18.24 -0.45
N CYS A 62 -37.59 18.99 -1.35
CA CYS A 62 -37.07 20.27 -1.84
C CYS A 62 -38.14 21.33 -2.07
N ASP A 63 -38.22 22.31 -1.18
CA ASP A 63 -39.22 23.37 -1.32
C ASP A 63 -38.76 24.47 -2.26
N ARG A 64 -37.48 24.84 -2.18
CA ARG A 64 -36.90 25.73 -3.17
C ARG A 64 -35.72 25.15 -3.91
N ASN A 65 -35.63 25.50 -5.19
CA ASN A 65 -34.52 25.11 -6.02
C ASN A 65 -33.30 25.85 -5.56
N LEU A 66 -32.14 25.21 -5.66
CA LEU A 66 -30.93 25.75 -5.08
C LEU A 66 -29.75 25.49 -5.96
N ALA A 67 -28.80 26.41 -5.95
CA ALA A 67 -27.56 26.21 -6.68
C ALA A 67 -26.38 26.46 -5.75
N MET A 68 -25.64 25.42 -5.43
CA MET A 68 -24.68 25.48 -4.34
C MET A 68 -23.23 25.42 -4.76
N GLY A 69 -22.51 26.53 -4.63
CA GLY A 69 -21.09 26.56 -4.89
C GLY A 69 -20.36 25.72 -3.87
N VAL A 70 -19.64 24.71 -4.35
CA VAL A 70 -19.00 23.73 -3.49
C VAL A 70 -17.55 23.49 -3.83
N ASN A 71 -16.69 23.52 -2.82
CA ASN A 71 -15.34 23.04 -2.99
C ASN A 71 -15.40 21.53 -2.89
N LEU A 72 -15.06 20.81 -3.96
CA LEU A 72 -15.26 19.38 -3.94
C LEU A 72 -14.18 18.63 -3.22
N THR A 73 -13.01 19.20 -3.05
CA THR A 73 -12.00 18.47 -2.31
C THR A 73 -12.48 18.46 -0.86
N SER A 74 -12.92 19.62 -0.39
CA SER A 74 -13.52 19.75 0.94
C SER A 74 -14.61 18.75 1.15
N MET A 75 -15.53 18.65 0.20
CA MET A 75 -16.64 17.73 0.36
C MET A 75 -16.17 16.28 0.37
N SER A 76 -15.12 15.98 -0.37
CA SER A 76 -14.58 14.63 -0.39
C SER A 76 -13.95 14.33 0.95
N LYS A 77 -13.18 15.30 1.46
CA LYS A 77 -12.54 15.15 2.75
C LYS A 77 -13.56 14.78 3.82
N ILE A 78 -14.73 15.40 3.73
CA ILE A 78 -15.83 15.10 4.64
C ILE A 78 -16.39 13.70 4.47
N LEU A 79 -16.66 13.29 3.23
CA LEU A 79 -17.29 12.01 3.00
C LEU A 79 -16.35 10.84 3.33
N LYS A 80 -15.05 11.12 3.35
CA LYS A 80 -14.07 10.16 3.86
C LYS A 80 -14.36 9.81 5.32
N CYS A 81 -14.97 10.74 6.04
CA CYS A 81 -15.31 10.54 7.44
C CYS A 81 -16.60 9.77 7.61
N ALA A 82 -17.17 9.33 6.49
CA ALA A 82 -18.35 8.46 6.53
C ALA A 82 -17.97 7.01 6.36
N GLY A 83 -18.67 6.13 7.04
CA GLY A 83 -18.48 4.70 6.87
C GLY A 83 -19.25 4.23 5.66
N ASN A 84 -18.92 3.05 5.15
CA ASN A 84 -19.57 2.53 3.96
C ASN A 84 -21.02 2.21 4.18
N GLU A 85 -21.43 2.07 5.43
CA GLU A 85 -22.76 1.56 5.70
C GLU A 85 -23.64 2.61 6.29
N ASP A 86 -23.07 3.78 6.53
CA ASP A 86 -23.81 4.88 7.09
C ASP A 86 -24.96 5.35 6.22
N ILE A 87 -26.02 5.74 6.89
CA ILE A 87 -27.10 6.41 6.23
C ILE A 87 -26.73 7.87 6.10
N ILE A 88 -26.59 8.33 4.88
CA ILE A 88 -26.15 9.70 4.70
C ILE A 88 -27.31 10.65 4.42
N THR A 89 -27.25 11.82 5.03
CA THR A 89 -28.26 12.85 4.89
C THR A 89 -27.65 14.18 4.45
N LEU A 90 -28.19 14.80 3.40
CA LEU A 90 -27.80 16.14 2.98
C LEU A 90 -28.88 17.13 3.36
N ARG A 91 -28.51 18.28 3.91
CA ARG A 91 -29.51 19.24 4.32
C ARG A 91 -29.05 20.67 4.06
N ALA A 92 -29.98 21.50 3.60
CA ALA A 92 -29.73 22.92 3.40
C ALA A 92 -30.95 23.73 3.80
N GLU A 93 -30.75 24.91 4.36
CA GLU A 93 -31.91 25.66 4.79
C GLU A 93 -32.35 26.81 3.88
N ASP A 94 -33.34 27.54 4.38
CA ASP A 94 -33.80 28.82 3.87
C ASP A 94 -32.62 29.67 3.42
N ASN A 95 -31.65 29.77 4.32
CA ASN A 95 -30.53 30.67 4.18
C ASN A 95 -29.43 30.19 3.22
N ALA A 96 -29.20 28.88 3.19
CA ALA A 96 -28.30 28.25 2.23
C ALA A 96 -26.86 28.77 2.37
N ASP A 97 -26.47 29.10 3.58
CA ASP A 97 -25.14 29.64 3.79
C ASP A 97 -24.11 28.52 3.79
N THR A 98 -24.48 27.42 4.42
CA THR A 98 -23.60 26.27 4.53
C THR A 98 -24.36 25.02 4.12
N LEU A 99 -23.65 23.95 3.78
CA LEU A 99 -24.30 22.67 3.53
C LEU A 99 -23.98 21.65 4.62
N ALA A 100 -25.00 20.99 5.14
CA ALA A 100 -24.80 20.05 6.23
C ALA A 100 -24.86 18.60 5.78
N LEU A 101 -23.93 17.80 6.29
CA LEU A 101 -23.94 16.37 5.97
C LEU A 101 -24.01 15.59 7.25
N VAL A 102 -24.97 14.69 7.30
CA VAL A 102 -25.22 13.96 8.52
C VAL A 102 -25.04 12.46 8.31
N PHE A 103 -24.19 11.82 9.11
CA PHE A 103 -23.91 10.40 8.93
C PHE A 103 -24.46 9.60 10.09
N GLU A 104 -25.46 8.75 9.87
CA GLU A 104 -25.89 7.85 10.93
C GLU A 104 -25.33 6.46 10.68
N ALA A 105 -24.67 5.92 11.68
CA ALA A 105 -24.10 4.59 11.63
C ALA A 105 -25.16 3.53 11.89
N PRO A 106 -25.00 2.36 11.26
CA PRO A 106 -25.87 1.23 11.61
C PRO A 106 -25.63 0.80 13.06
N ASN A 107 -24.47 1.18 13.58
CA ASN A 107 -24.11 1.12 14.98
C ASN A 107 -25.14 1.97 15.73
N GLN A 108 -25.49 3.10 15.13
CA GLN A 108 -26.52 4.05 15.61
C GLN A 108 -26.37 4.53 17.06
N GLU A 109 -25.24 4.24 17.69
CA GLU A 109 -24.99 4.88 18.96
C GLU A 109 -24.06 6.05 18.66
N LYS A 110 -23.83 6.27 17.37
CA LYS A 110 -22.97 7.33 16.85
C LYS A 110 -23.64 8.12 15.72
N VAL A 111 -23.60 9.45 15.80
CA VAL A 111 -24.06 10.33 14.72
C VAL A 111 -23.06 11.41 14.45
N SER A 112 -22.54 11.47 13.22
CA SER A 112 -21.63 12.53 12.83
C SER A 112 -22.34 13.61 12.04
N ASP A 113 -21.86 14.82 12.20
CA ASP A 113 -22.50 16.00 11.64
C ASP A 113 -21.41 16.94 11.12
N TYR A 114 -21.41 17.17 9.81
CA TYR A 114 -20.45 18.04 9.18
C TYR A 114 -21.17 19.14 8.41
N GLU A 115 -20.54 20.31 8.36
CA GLU A 115 -21.11 21.48 7.71
C GLU A 115 -20.04 22.22 6.92
N MET A 116 -20.19 22.26 5.61
CA MET A 116 -19.16 22.92 4.83
C MET A 116 -19.69 24.22 4.30
N LYS A 117 -18.81 25.20 4.19
CA LYS A 117 -19.20 26.51 3.74
C LYS A 117 -19.40 26.53 2.23
N LEU A 118 -20.37 27.30 1.77
CA LEU A 118 -20.64 27.40 0.33
C LEU A 118 -19.95 28.62 -0.26
N MET A 119 -18.91 28.40 -1.05
CA MET A 119 -18.20 29.49 -1.70
C MET A 119 -19.02 30.01 -2.86
N ASP A 120 -18.60 31.13 -3.46
CA ASP A 120 -19.37 31.70 -4.57
C ASP A 120 -18.72 31.47 -5.91
N LEU A 121 -19.53 30.90 -6.79
CA LEU A 121 -19.01 30.34 -8.02
C LEU A 121 -19.57 31.03 -9.24
N ASP A 122 -18.67 31.35 -10.16
CA ASP A 122 -19.03 31.73 -11.50
C ASP A 122 -19.12 30.40 -12.23
N VAL A 123 -20.31 29.92 -12.54
CA VAL A 123 -20.37 28.54 -12.98
C VAL A 123 -20.57 28.54 -14.47
N GLU A 124 -19.44 28.24 -15.10
CA GLU A 124 -19.32 28.14 -16.52
C GLU A 124 -19.88 26.77 -16.91
N GLN A 125 -21.18 26.79 -17.22
CA GLN A 125 -21.98 25.65 -17.61
C GLN A 125 -21.95 25.52 -19.13
N LEU A 126 -22.24 24.32 -19.60
CA LEU A 126 -22.33 23.98 -21.02
C LEU A 126 -23.61 23.22 -21.31
N GLY A 127 -23.97 23.23 -22.58
CA GLY A 127 -25.21 22.66 -23.05
C GLY A 127 -24.86 21.44 -23.83
N ILE A 128 -25.40 20.31 -23.40
CA ILE A 128 -25.11 19.06 -24.07
C ILE A 128 -26.22 18.68 -25.03
N PRO A 129 -25.94 18.86 -26.32
CA PRO A 129 -26.87 18.56 -27.39
C PRO A 129 -27.05 17.07 -27.52
N GLU A 130 -28.19 16.67 -28.03
CA GLU A 130 -28.42 15.29 -28.27
C GLU A 130 -27.93 14.98 -29.65
N GLN A 131 -26.98 14.07 -29.68
CA GLN A 131 -26.39 13.55 -30.91
C GLN A 131 -26.73 12.10 -31.08
N GLU A 132 -26.50 11.55 -32.25
CA GLU A 132 -26.44 10.10 -32.37
C GLU A 132 -25.03 9.75 -32.77
N TYR A 133 -24.64 8.52 -32.55
CA TYR A 133 -23.22 8.19 -32.58
C TYR A 133 -22.94 7.09 -33.57
N SER A 134 -21.92 7.32 -34.38
CA SER A 134 -21.40 6.34 -35.30
C SER A 134 -21.16 4.99 -34.64
N CYS A 135 -20.50 5.01 -33.48
CA CYS A 135 -20.18 3.76 -32.81
C CYS A 135 -20.44 3.87 -31.30
N VAL A 136 -21.01 2.81 -30.73
CA VAL A 136 -21.37 2.79 -29.32
C VAL A 136 -20.98 1.46 -28.70
N VAL A 137 -20.08 1.50 -27.72
CA VAL A 137 -19.51 0.30 -27.12
C VAL A 137 -19.83 0.10 -25.64
N LYS A 138 -20.38 -1.07 -25.30
CA LYS A 138 -20.65 -1.42 -23.91
C LYS A 138 -19.75 -2.56 -23.43
N MET A 139 -19.15 -2.37 -22.25
CA MET A 139 -18.15 -3.29 -21.77
C MET A 139 -18.11 -3.21 -20.25
N PRO A 140 -17.49 -4.22 -19.60
CA PRO A 140 -17.25 -4.21 -18.15
C PRO A 140 -16.36 -3.04 -17.77
N SER A 141 -16.75 -2.31 -16.74
CA SER A 141 -16.07 -1.06 -16.41
C SER A 141 -14.65 -1.26 -15.95
N GLY A 142 -14.38 -2.39 -15.33
CA GLY A 142 -13.05 -2.70 -14.89
C GLY A 142 -12.16 -3.06 -16.05
N GLU A 143 -12.73 -3.75 -17.02
CA GLU A 143 -12.00 -4.05 -18.22
C GLU A 143 -11.56 -2.76 -18.91
N PHE A 144 -12.49 -1.81 -19.08
CA PHE A 144 -12.13 -0.54 -19.68
C PHE A 144 -11.09 0.17 -18.86
N ALA A 145 -11.27 0.14 -17.55
CA ALA A 145 -10.30 0.73 -16.64
C ALA A 145 -8.92 0.09 -16.76
N ARG A 146 -8.85 -1.21 -17.03
CA ARG A 146 -7.54 -1.83 -17.12
C ARG A 146 -6.90 -1.50 -18.47
N ILE A 147 -7.70 -1.48 -19.53
CA ILE A 147 -7.25 -1.00 -20.84
C ILE A 147 -6.53 0.33 -20.70
N CYS A 148 -7.18 1.26 -20.01
CA CYS A 148 -6.69 2.63 -19.89
C CYS A 148 -5.42 2.78 -19.08
N ARG A 149 -5.22 1.88 -18.14
CA ARG A 149 -4.09 1.95 -17.24
C ARG A 149 -2.94 1.30 -17.94
N ASP A 150 -3.24 0.19 -18.60
CA ASP A 150 -2.23 -0.56 -19.30
C ASP A 150 -1.57 0.33 -20.36
N LEU A 151 -2.36 0.93 -21.23
CA LEU A 151 -1.83 1.77 -22.28
C LEU A 151 -1.14 3.06 -21.79
N SER A 152 -1.36 3.44 -20.54
CA SER A 152 -0.65 4.59 -20.00
C SER A 152 0.81 4.29 -19.74
N HIS A 153 1.16 3.00 -19.77
CA HIS A 153 2.56 2.60 -19.64
C HIS A 153 3.27 2.91 -20.94
N ILE A 154 2.54 2.94 -22.04
CA ILE A 154 3.11 3.00 -23.38
C ILE A 154 3.22 4.41 -23.95
N GLY A 155 2.11 5.14 -23.89
CA GLY A 155 2.01 6.45 -24.50
C GLY A 155 0.97 7.30 -23.82
N ASP A 156 0.78 8.53 -24.30
CA ASP A 156 -0.07 9.51 -23.63
C ASP A 156 -1.41 9.69 -24.34
N ALA A 157 -1.52 9.11 -25.52
CA ALA A 157 -2.75 9.18 -26.27
C ALA A 157 -3.16 7.79 -26.74
N VAL A 158 -4.45 7.50 -26.67
CA VAL A 158 -4.98 6.24 -27.15
C VAL A 158 -5.75 6.50 -28.43
N VAL A 159 -5.67 5.57 -29.37
CA VAL A 159 -6.44 5.64 -30.58
C VAL A 159 -7.53 4.56 -30.54
N ILE A 160 -8.78 4.99 -30.51
CA ILE A 160 -9.87 4.03 -30.51
C ILE A 160 -10.36 3.81 -31.93
N SER A 161 -10.33 2.57 -32.38
CA SER A 161 -10.71 2.21 -33.75
C SER A 161 -11.87 1.25 -33.77
N CYS A 162 -13.03 1.70 -34.19
CA CYS A 162 -14.19 0.82 -34.17
C CYS A 162 -14.66 0.45 -35.58
N ALA A 163 -14.65 -0.84 -35.86
CA ALA A 163 -15.26 -1.38 -37.06
C ALA A 163 -16.23 -2.44 -36.57
N LYS A 164 -16.81 -3.23 -37.47
CA LYS A 164 -17.86 -4.13 -37.03
C LYS A 164 -17.31 -5.25 -36.15
N ASP A 165 -16.06 -5.64 -36.40
CA ASP A 165 -15.37 -6.68 -35.63
C ASP A 165 -15.35 -6.42 -34.14
N GLY A 166 -15.17 -5.16 -33.81
CA GLY A 166 -14.80 -4.84 -32.48
C GLY A 166 -13.97 -3.59 -32.53
N VAL A 167 -13.68 -3.10 -31.34
CA VAL A 167 -12.92 -1.89 -31.16
C VAL A 167 -11.51 -2.24 -30.76
N LYS A 168 -10.56 -1.42 -31.18
CA LYS A 168 -9.15 -1.65 -30.94
C LYS A 168 -8.60 -0.44 -30.24
N PHE A 169 -7.92 -0.63 -29.13
CA PHE A 169 -7.33 0.49 -28.42
C PHE A 169 -5.83 0.49 -28.64
N SER A 170 -5.28 1.62 -29.07
CA SER A 170 -3.88 1.67 -29.46
C SER A 170 -3.15 2.87 -28.90
N ALA A 171 -1.88 2.68 -28.55
CA ALA A 171 -1.01 3.76 -28.08
C ALA A 171 0.43 3.49 -28.46
N SER A 172 1.22 4.55 -28.58
CA SER A 172 2.62 4.40 -28.96
C SER A 172 3.52 5.33 -28.15
N GLY A 173 4.78 4.92 -28.00
CA GLY A 173 5.76 5.76 -27.34
C GLY A 173 7.15 5.21 -27.62
N GLU A 174 8.07 5.49 -26.72
CA GLU A 174 9.47 5.16 -26.96
C GLU A 174 9.73 3.66 -26.94
N LEU A 175 9.10 2.97 -25.98
CA LEU A 175 9.21 1.52 -25.89
C LEU A 175 8.81 0.81 -27.15
N GLY A 176 7.68 1.24 -27.71
CA GLY A 176 7.12 0.63 -28.88
C GLY A 176 5.65 0.96 -28.92
N ASN A 177 4.85 0.02 -29.39
CA ASN A 177 3.43 0.22 -29.47
C ASN A 177 2.61 -0.94 -28.94
N GLY A 178 1.42 -0.60 -28.46
CA GLY A 178 0.53 -1.63 -27.96
C GLY A 178 -0.84 -1.54 -28.59
N ASN A 179 -1.48 -2.69 -28.76
CA ASN A 179 -2.80 -2.72 -29.38
C ASN A 179 -3.63 -3.70 -28.59
N ILE A 180 -4.83 -3.26 -28.18
CA ILE A 180 -5.76 -4.15 -27.50
C ILE A 180 -7.08 -4.26 -28.26
N LYS A 181 -7.49 -5.50 -28.54
CA LYS A 181 -8.66 -5.77 -29.36
C LYS A 181 -9.73 -6.44 -28.55
N LEU A 182 -10.91 -5.83 -28.52
CA LEU A 182 -12.07 -6.46 -27.95
C LEU A 182 -13.07 -6.79 -29.03
N SER A 183 -13.68 -7.98 -28.95
CA SER A 183 -14.68 -8.42 -29.89
C SER A 183 -15.96 -8.60 -29.13
N GLN A 184 -17.05 -8.81 -29.84
CA GLN A 184 -18.35 -8.93 -29.18
C GLN A 184 -18.55 -10.35 -28.61
N THR A 185 -19.25 -10.45 -27.49
CA THR A 185 -19.33 -11.72 -26.79
C THR A 185 -20.55 -12.53 -27.25
N SER A 186 -20.55 -13.84 -26.96
CA SER A 186 -21.72 -14.73 -27.18
C SER A 186 -23.06 -14.12 -26.81
N GLU A 192 -24.10 -6.83 -17.44
CA GLU A 192 -23.36 -8.09 -17.41
C GLU A 192 -21.84 -7.91 -17.44
N GLU A 193 -21.22 -8.87 -18.13
CA GLU A 193 -19.78 -8.99 -18.35
C GLU A 193 -19.53 -9.04 -19.84
N ALA A 194 -20.59 -8.80 -20.58
CA ALA A 194 -20.55 -8.79 -22.02
C ALA A 194 -19.86 -7.57 -22.62
N VAL A 195 -19.38 -7.73 -23.83
CA VAL A 195 -18.93 -6.65 -24.68
C VAL A 195 -19.86 -6.54 -25.90
N THR A 196 -20.55 -5.42 -26.04
CA THR A 196 -21.42 -5.21 -27.20
C THR A 196 -21.02 -3.96 -27.97
N ILE A 197 -21.08 -4.07 -29.29
CA ILE A 197 -20.60 -3.03 -30.17
C ILE A 197 -21.66 -2.73 -31.18
N GLU A 198 -22.16 -1.50 -31.19
CA GLU A 198 -23.14 -1.12 -32.17
C GLU A 198 -22.45 -0.19 -33.11
N MET A 199 -22.23 -0.59 -34.35
CA MET A 199 -21.49 0.26 -35.24
C MET A 199 -22.27 0.59 -36.49
N ASN A 200 -22.46 1.88 -36.74
CA ASN A 200 -23.19 2.33 -37.88
C ASN A 200 -22.24 2.82 -38.97
N GLU A 201 -21.05 3.24 -38.55
CA GLU A 201 -20.02 3.70 -39.48
C GLU A 201 -18.71 3.74 -38.72
N PRO A 202 -17.63 3.18 -39.29
CA PRO A 202 -16.34 3.10 -38.60
C PRO A 202 -15.82 4.44 -38.10
N VAL A 203 -15.26 4.43 -36.90
CA VAL A 203 -14.65 5.62 -36.33
C VAL A 203 -13.22 5.36 -35.96
N GLN A 204 -12.40 6.37 -36.07
CA GLN A 204 -11.05 6.28 -35.59
C GLN A 204 -10.71 7.58 -34.91
N LEU A 205 -10.62 7.55 -33.58
CA LEU A 205 -10.40 8.77 -32.83
C LEU A 205 -9.23 8.67 -31.84
N THR A 206 -8.84 9.82 -31.28
CA THR A 206 -7.66 9.93 -30.45
C THR A 206 -7.93 10.76 -29.22
N PHE A 207 -7.60 10.24 -28.06
CA PHE A 207 -7.88 10.94 -26.82
C PHE A 207 -6.71 10.90 -25.82
N ALA A 208 -6.65 11.91 -24.97
CA ALA A 208 -5.65 11.97 -23.92
C ALA A 208 -5.96 10.93 -22.89
N LEU A 209 -5.00 10.06 -22.58
CA LEU A 209 -5.22 9.01 -21.61
C LEU A 209 -5.27 9.58 -20.23
N ARG A 210 -4.60 10.70 -20.03
CA ARG A 210 -4.63 11.35 -18.75
C ARG A 210 -6.05 11.56 -18.27
N TYR A 211 -6.91 12.01 -19.16
CA TYR A 211 -8.27 12.34 -18.79
C TYR A 211 -9.07 11.09 -18.56
N LEU A 212 -8.83 10.08 -19.38
CA LEU A 212 -9.52 8.83 -19.22
C LEU A 212 -9.21 8.17 -17.89
N ASN A 213 -7.99 8.35 -17.42
CA ASN A 213 -7.60 7.70 -16.19
C ASN A 213 -8.27 8.37 -15.02
N PHE A 214 -8.66 9.61 -15.21
CA PHE A 214 -9.53 10.28 -14.25
C PHE A 214 -10.96 9.74 -14.30
N PHE A 215 -11.47 9.45 -15.49
CA PHE A 215 -12.85 9.02 -15.62
C PHE A 215 -13.04 7.67 -14.95
N THR A 216 -12.01 6.85 -14.99
CA THR A 216 -12.17 5.49 -14.55
C THR A 216 -12.25 5.43 -13.05
N LYS A 217 -12.12 6.56 -12.40
CA LYS A 217 -12.31 6.57 -10.96
C LYS A 217 -13.74 6.24 -10.57
N ALA A 218 -14.66 6.32 -11.52
CA ALA A 218 -16.06 5.98 -11.26
C ALA A 218 -16.36 4.51 -11.44
N THR A 219 -15.34 3.71 -11.72
CA THR A 219 -15.55 2.27 -11.93
C THR A 219 -16.32 1.62 -10.79
N PRO A 220 -16.04 1.98 -9.53
CA PRO A 220 -16.80 1.27 -8.49
C PRO A 220 -18.29 1.58 -8.42
N LEU A 221 -18.76 2.53 -9.22
CA LEU A 221 -20.16 2.95 -9.24
C LEU A 221 -21.05 2.07 -10.13
N SER A 222 -20.42 1.34 -11.05
CA SER A 222 -21.12 0.62 -12.10
C SER A 222 -20.26 -0.53 -12.62
N SER A 223 -20.87 -1.71 -12.78
CA SER A 223 -20.16 -2.85 -13.31
C SER A 223 -19.89 -2.68 -14.78
N THR A 224 -20.72 -1.88 -15.44
CA THR A 224 -20.67 -1.70 -16.88
C THR A 224 -20.42 -0.23 -17.26
N VAL A 225 -19.68 -0.02 -18.35
CA VAL A 225 -19.42 1.31 -18.87
C VAL A 225 -19.76 1.33 -20.35
N THR A 226 -20.29 2.44 -20.82
CA THR A 226 -20.66 2.62 -22.21
C THR A 226 -19.86 3.74 -22.84
N LEU A 227 -19.31 3.52 -24.04
CA LEU A 227 -18.62 4.58 -24.73
C LEU A 227 -19.34 4.95 -26.02
N SER A 228 -19.51 6.23 -26.26
CA SER A 228 -20.22 6.71 -27.43
C SER A 228 -19.30 7.61 -28.23
N MET A 229 -19.15 7.32 -29.53
CA MET A 229 -18.24 8.07 -30.39
C MET A 229 -18.82 8.44 -31.74
N SER A 230 -18.43 9.60 -32.27
CA SER A 230 -18.61 9.95 -33.67
C SER A 230 -17.42 10.76 -34.07
N ALA A 231 -17.16 10.87 -35.36
CA ALA A 231 -16.08 11.73 -35.77
C ALA A 231 -16.47 13.18 -35.50
N ASP A 232 -15.53 13.92 -34.95
CA ASP A 232 -15.69 15.35 -34.67
C ASP A 232 -16.83 15.75 -33.70
N VAL A 233 -17.10 14.90 -32.70
CA VAL A 233 -17.89 15.32 -31.54
C VAL A 233 -17.16 14.72 -30.35
N PRO A 234 -17.33 15.29 -29.16
CA PRO A 234 -16.62 14.76 -27.98
C PRO A 234 -17.00 13.32 -27.65
N LEU A 235 -16.07 12.56 -27.10
CA LEU A 235 -16.36 11.23 -26.59
C LEU A 235 -17.22 11.27 -25.34
N VAL A 236 -18.14 10.33 -25.21
CA VAL A 236 -18.90 10.21 -23.97
C VAL A 236 -18.60 8.91 -23.26
N VAL A 237 -18.13 9.02 -22.03
CA VAL A 237 -17.94 7.86 -21.17
C VAL A 237 -19.03 7.80 -20.11
N GLU A 238 -19.87 6.77 -20.12
CA GLU A 238 -21.04 6.78 -19.26
C GLU A 238 -21.10 5.67 -18.25
N TYR A 239 -21.21 6.04 -16.98
CA TYR A 239 -21.43 5.08 -15.91
C TYR A 239 -22.82 5.27 -15.35
N LYS A 240 -23.56 4.19 -15.13
CA LYS A 240 -24.92 4.30 -14.65
C LYS A 240 -24.98 3.97 -13.16
N ILE A 241 -25.49 4.90 -12.37
CA ILE A 241 -25.69 4.70 -10.94
C ILE A 241 -27.01 3.96 -10.73
N ALA A 242 -26.95 2.71 -10.28
CA ALA A 242 -28.09 1.83 -10.45
C ALA A 242 -29.27 2.35 -9.68
N ASP A 243 -30.36 2.60 -10.42
CA ASP A 243 -31.63 3.07 -9.88
C ASP A 243 -31.68 4.57 -9.63
N MET A 244 -30.58 5.30 -9.83
CA MET A 244 -30.61 6.69 -9.39
C MET A 244 -30.32 7.73 -10.44
N GLY A 245 -29.59 7.36 -11.47
CA GLY A 245 -29.03 8.33 -12.37
C GLY A 245 -27.77 7.79 -13.01
N HIS A 246 -26.92 8.71 -13.43
CA HIS A 246 -25.73 8.37 -14.16
C HIS A 246 -24.67 9.41 -13.95
N LEU A 247 -23.47 9.04 -14.36
CA LEU A 247 -22.32 9.92 -14.36
C LEU A 247 -21.74 9.86 -15.76
N LYS A 248 -21.86 10.97 -16.48
CA LYS A 248 -21.38 11.04 -17.85
C LYS A 248 -20.17 11.94 -17.95
N TYR A 249 -19.12 11.46 -18.58
CA TYR A 249 -17.95 12.28 -18.88
C TYR A 249 -17.79 12.56 -20.36
N TYR A 250 -17.44 13.78 -20.69
CA TYR A 250 -17.30 14.19 -22.08
C TYR A 250 -15.89 14.59 -22.33
N LEU A 251 -15.31 14.15 -23.44
CA LEU A 251 -13.90 14.41 -23.74
C LEU A 251 -13.71 14.81 -25.18
N ALA A 252 -12.98 15.89 -25.38
CA ALA A 252 -12.67 16.39 -26.72
C ALA A 252 -11.51 15.62 -27.30
N PRO A 253 -11.65 15.16 -28.54
CA PRO A 253 -10.61 14.43 -29.26
C PRO A 253 -9.35 15.26 -29.52
N LYS A 254 -8.27 14.62 -29.93
CA LYS A 254 -7.05 15.35 -30.22
C LYS A 254 -6.85 15.59 -31.71
N ILE A 255 -6.01 16.59 -32.03
CA ILE A 255 -5.72 17.05 -33.40
C ILE A 255 -6.91 17.10 -34.33
N SER B 3 1.20 17.19 -31.47
CA SER B 3 0.03 17.07 -30.63
C SER B 3 -0.81 18.35 -30.65
N HIS B 4 -2.13 18.22 -30.59
CA HIS B 4 -2.97 19.39 -30.26
C HIS B 4 -4.27 18.95 -29.59
N GLN B 5 -4.65 19.66 -28.54
CA GLN B 5 -5.85 19.30 -27.78
C GLN B 5 -6.99 20.27 -28.02
N ASN B 6 -8.13 19.74 -28.47
CA ASN B 6 -9.32 20.54 -28.69
C ASN B 6 -10.12 20.73 -27.41
N VAL B 7 -10.79 21.86 -27.28
CA VAL B 7 -11.55 22.15 -26.08
C VAL B 7 -13.01 21.92 -26.39
N LEU B 8 -13.82 21.73 -25.35
CA LEU B 8 -15.23 21.44 -25.57
C LEU B 8 -16.00 22.60 -26.16
N SER B 9 -15.37 23.77 -26.18
CA SER B 9 -15.93 24.96 -26.80
C SER B 9 -16.20 24.77 -28.28
N ASN B 10 -15.36 23.99 -28.95
CA ASN B 10 -15.59 23.76 -30.37
C ASN B 10 -16.85 22.99 -30.65
N TYR B 11 -17.38 22.30 -29.64
CA TYR B 11 -18.50 21.39 -29.88
C TYR B 11 -19.79 21.73 -29.13
N PHE B 12 -19.66 22.30 -27.94
CA PHE B 12 -20.82 22.51 -27.09
C PHE B 12 -21.06 24.00 -26.87
N PRO B 13 -22.33 24.41 -26.89
CA PRO B 13 -22.68 25.80 -26.63
C PRO B 13 -22.55 26.14 -25.14
N ARG B 14 -22.23 27.40 -24.84
CA ARG B 14 -22.21 27.85 -23.45
C ARG B 14 -23.58 28.22 -22.95
N VAL B 15 -24.29 27.27 -22.33
CA VAL B 15 -25.52 27.66 -21.67
C VAL B 15 -25.13 28.01 -20.26
N SER B 16 -25.04 29.30 -19.94
CA SER B 16 -24.84 29.69 -18.55
C SER B 16 -26.13 30.36 -18.13
N MET C 1 12.32 -16.70 -38.39
CA MET C 1 11.14 -16.63 -37.54
C MET C 1 11.32 -17.33 -36.19
N PHE C 2 10.80 -16.70 -35.14
CA PHE C 2 10.74 -17.31 -33.80
C PHE C 2 9.40 -17.10 -33.10
N GLU C 3 8.82 -18.17 -32.58
CA GLU C 3 7.56 -18.08 -31.87
C GLU C 3 7.51 -19.02 -30.65
N ALA C 4 7.25 -18.47 -29.47
CA ALA C 4 7.16 -19.24 -28.22
C ALA C 4 5.89 -18.90 -27.46
N ARG C 5 5.21 -19.91 -26.96
CA ARG C 5 3.90 -19.76 -26.35
C ARG C 5 3.80 -20.42 -24.97
N LEU C 6 3.22 -19.70 -24.02
CA LEU C 6 3.23 -20.09 -22.62
C LEU C 6 1.85 -19.86 -22.04
N VAL C 7 1.17 -20.91 -21.61
CA VAL C 7 -0.23 -20.74 -21.23
C VAL C 7 -0.38 -20.10 -19.87
N GLN C 8 0.59 -20.32 -18.99
CA GLN C 8 0.60 -19.55 -17.76
C GLN C 8 1.58 -18.37 -17.85
N GLY C 9 1.10 -17.24 -18.31
CA GLY C 9 2.01 -16.14 -18.55
C GLY C 9 2.66 -15.54 -17.31
N SER C 10 2.05 -15.72 -16.15
CA SER C 10 2.57 -15.12 -14.91
C SER C 10 4.03 -15.47 -14.64
N ILE C 11 4.43 -16.64 -15.11
CA ILE C 11 5.81 -17.07 -15.05
C ILE C 11 6.71 -15.98 -15.62
N LEU C 12 6.31 -15.47 -16.77
CA LEU C 12 7.13 -14.55 -17.51
C LEU C 12 7.12 -13.16 -16.90
N LYS C 13 6.00 -12.80 -16.29
CA LYS C 13 5.86 -11.57 -15.54
C LYS C 13 6.80 -11.55 -14.34
N LYS C 14 6.82 -12.66 -13.62
CA LYS C 14 7.61 -12.79 -12.40
C LYS C 14 9.10 -12.86 -12.69
N VAL C 15 9.44 -13.46 -13.83
CA VAL C 15 10.84 -13.53 -14.24
C VAL C 15 11.36 -12.13 -14.43
N LEU C 16 10.59 -11.32 -15.14
CA LEU C 16 10.95 -9.95 -15.40
C LEU C 16 11.05 -9.14 -14.11
N GLU C 17 10.14 -9.38 -13.17
CA GLU C 17 10.12 -8.59 -11.98
C GLU C 17 11.41 -8.87 -11.22
N ALA C 18 11.91 -10.08 -11.42
CA ALA C 18 13.07 -10.57 -10.73
C ALA C 18 14.35 -10.07 -11.34
N LEU C 19 14.25 -9.47 -12.53
CA LEU C 19 15.43 -9.07 -13.27
C LEU C 19 15.61 -7.59 -13.34
N LYS C 20 14.53 -6.87 -13.57
CA LYS C 20 14.58 -5.50 -14.06
C LYS C 20 15.21 -4.51 -13.08
N ASP C 21 15.21 -4.83 -11.79
CA ASP C 21 15.83 -3.93 -10.82
C ASP C 21 17.32 -4.16 -10.68
N LEU C 22 17.80 -5.32 -11.11
CA LEU C 22 19.21 -5.67 -11.04
C LEU C 22 19.93 -5.36 -12.33
N ILE C 23 19.28 -5.63 -13.45
CA ILE C 23 19.93 -5.39 -14.73
C ILE C 23 18.95 -4.74 -15.70
N ASN C 24 19.45 -3.78 -16.47
CA ASN C 24 18.57 -2.98 -17.31
C ASN C 24 18.54 -3.43 -18.75
N GLU C 25 19.66 -3.97 -19.23
CA GLU C 25 19.68 -4.53 -20.56
C GLU C 25 20.38 -5.88 -20.54
N ALA C 26 20.07 -6.72 -21.49
CA ALA C 26 20.62 -8.05 -21.51
C ALA C 26 20.28 -8.72 -22.81
N CYS C 27 20.94 -9.83 -23.10
CA CYS C 27 20.78 -10.49 -24.37
C CYS C 27 20.14 -11.87 -24.23
N TRP C 28 19.13 -12.10 -25.04
CA TRP C 28 18.37 -13.33 -25.02
C TRP C 28 18.80 -14.30 -26.12
N ASP C 29 19.38 -15.43 -25.72
CA ASP C 29 19.82 -16.43 -26.68
C ASP C 29 18.69 -17.36 -26.99
N ILE C 30 18.11 -17.25 -28.17
CA ILE C 30 17.04 -18.18 -28.53
C ILE C 30 17.57 -19.29 -29.41
N SER C 31 17.26 -20.52 -29.02
CA SER C 31 17.64 -21.70 -29.77
C SER C 31 16.45 -22.64 -29.76
N SER C 32 16.63 -23.84 -30.26
CA SER C 32 15.52 -24.76 -30.29
C SER C 32 15.44 -25.54 -28.99
N SER C 33 16.31 -25.23 -28.04
CA SER C 33 16.35 -25.94 -26.76
C SER C 33 15.75 -25.06 -25.67
N GLY C 34 15.46 -23.82 -26.05
CA GLY C 34 14.86 -22.88 -25.13
C GLY C 34 15.58 -21.55 -25.13
N VAL C 35 15.44 -20.85 -24.00
CA VAL C 35 15.99 -19.53 -23.86
C VAL C 35 17.04 -19.49 -22.79
N ASN C 36 18.19 -18.91 -23.11
CA ASN C 36 19.19 -18.58 -22.12
C ASN C 36 19.34 -17.08 -22.04
N LEU C 37 19.55 -16.59 -20.83
CA LEU C 37 19.88 -15.20 -20.61
C LEU C 37 20.95 -15.19 -19.57
N GLN C 38 21.92 -14.32 -19.74
CA GLN C 38 22.99 -14.21 -18.78
C GLN C 38 23.51 -12.78 -18.83
N SER C 39 23.84 -12.22 -17.68
CA SER C 39 24.35 -10.86 -17.67
C SER C 39 24.95 -10.54 -16.32
N MET C 40 25.85 -9.58 -16.32
CA MET C 40 26.30 -9.07 -15.04
C MET C 40 25.46 -7.87 -14.76
N ASP C 41 25.47 -7.43 -13.52
CA ASP C 41 24.84 -6.18 -13.21
C ASP C 41 25.93 -5.21 -13.51
N SER C 42 25.61 -3.92 -13.56
CA SER C 42 26.60 -2.91 -13.87
C SER C 42 27.86 -2.98 -13.01
N SER C 43 27.70 -3.31 -11.75
CA SER C 43 28.83 -3.30 -10.84
C SER C 43 29.73 -4.53 -11.01
N HIS C 44 29.24 -5.51 -11.76
CA HIS C 44 29.99 -6.74 -12.06
C HIS C 44 30.27 -7.56 -10.80
N VAL C 45 29.46 -7.38 -9.77
CA VAL C 45 29.61 -8.10 -8.52
C VAL C 45 28.70 -9.32 -8.53
N SER C 46 27.56 -9.17 -9.18
CA SER C 46 26.58 -10.23 -9.27
C SER C 46 26.31 -10.58 -10.72
N LEU C 47 25.74 -11.76 -10.93
CA LEU C 47 25.42 -12.20 -12.25
C LEU C 47 24.12 -12.95 -12.23
N VAL C 48 23.44 -12.97 -13.35
CA VAL C 48 22.17 -13.64 -13.36
C VAL C 48 22.12 -14.55 -14.57
N GLN C 49 21.67 -15.78 -14.36
CA GLN C 49 21.60 -16.75 -15.42
C GLN C 49 20.19 -17.30 -15.43
N LEU C 50 19.50 -17.17 -16.55
CA LEU C 50 18.11 -17.60 -16.65
C LEU C 50 17.94 -18.70 -17.67
N THR C 51 17.27 -19.77 -17.30
CA THR C 51 17.02 -20.84 -18.27
C THR C 51 15.55 -21.12 -18.41
N LEU C 52 15.08 -21.18 -19.65
CA LEU C 52 13.71 -21.56 -19.94
C LEU C 52 13.68 -22.56 -21.10
N ARG C 53 13.49 -23.85 -20.82
CA ARG C 53 13.61 -24.91 -21.81
C ARG C 53 12.44 -24.94 -22.77
N SER C 54 12.71 -25.35 -24.01
CA SER C 54 11.68 -25.60 -25.02
C SER C 54 10.40 -26.27 -24.57
N GLU C 55 10.53 -27.32 -23.77
CA GLU C 55 9.38 -28.20 -23.60
C GLU C 55 8.43 -27.66 -22.55
N GLY C 56 8.78 -26.50 -22.00
CA GLY C 56 7.95 -25.88 -20.99
C GLY C 56 6.98 -24.87 -21.56
N PHE C 57 7.15 -24.59 -22.84
CA PHE C 57 6.22 -23.77 -23.56
C PHE C 57 5.28 -24.73 -24.18
N ASP C 58 4.09 -24.28 -24.53
CA ASP C 58 3.11 -25.19 -25.11
C ASP C 58 3.28 -25.16 -26.62
N THR C 59 4.00 -24.16 -27.09
CA THR C 59 4.37 -24.07 -28.50
C THR C 59 5.64 -23.29 -28.66
N TYR C 60 6.69 -24.01 -29.00
CA TYR C 60 7.99 -23.41 -29.22
C TYR C 60 8.38 -23.67 -30.67
N ARG C 61 8.95 -22.65 -31.31
CA ARG C 61 9.34 -22.77 -32.70
C ARG C 61 10.55 -21.89 -32.84
N CYS C 62 11.69 -22.45 -33.19
CA CYS C 62 12.81 -21.57 -33.37
C CYS C 62 13.51 -22.03 -34.62
N ASP C 63 13.14 -21.42 -35.74
CA ASP C 63 13.65 -21.79 -37.06
C ASP C 63 15.13 -21.49 -37.25
N ARG C 64 15.55 -20.33 -36.77
CA ARG C 64 16.93 -19.88 -36.86
C ARG C 64 17.30 -19.36 -35.50
N ASN C 65 18.56 -19.47 -35.13
CA ASN C 65 18.94 -19.12 -33.76
C ASN C 65 19.01 -17.61 -33.65
N LEU C 66 18.71 -17.08 -32.47
CA LEU C 66 18.61 -15.63 -32.35
C LEU C 66 19.25 -15.09 -31.08
N ALA C 67 19.81 -13.90 -31.17
CA ALA C 67 20.34 -13.22 -30.02
C ALA C 67 19.73 -11.84 -30.01
N MET C 68 18.93 -11.57 -28.99
CA MET C 68 18.07 -10.40 -28.97
C MET C 68 18.41 -9.38 -27.92
N GLY C 69 18.95 -8.23 -28.31
CA GLY C 69 19.18 -7.16 -27.36
C GLY C 69 17.89 -6.56 -26.78
N VAL C 70 17.73 -6.63 -25.47
CA VAL C 70 16.51 -6.19 -24.79
C VAL C 70 16.74 -5.32 -23.58
N ASN C 71 16.07 -4.17 -23.57
CA ASN C 71 15.93 -3.36 -22.38
C ASN C 71 14.90 -4.06 -21.50
N LEU C 72 15.34 -4.50 -20.33
CA LEU C 72 14.51 -5.34 -19.47
C LEU C 72 13.46 -4.53 -18.74
N THR C 73 13.66 -3.22 -18.61
CA THR C 73 12.63 -2.39 -17.99
C THR C 73 11.51 -2.17 -18.98
N SER C 74 11.84 -1.86 -20.24
CA SER C 74 10.84 -1.73 -21.28
C SER C 74 9.98 -2.96 -21.33
N MET C 75 10.64 -4.11 -21.31
CA MET C 75 9.92 -5.37 -21.37
C MET C 75 9.08 -5.56 -20.13
N SER C 76 9.54 -5.02 -19.02
CA SER C 76 8.79 -5.09 -17.78
C SER C 76 7.53 -4.26 -17.84
N LYS C 77 7.67 -3.03 -18.34
CA LYS C 77 6.54 -2.13 -18.51
C LYS C 77 5.42 -2.72 -19.38
N ILE C 78 5.83 -3.38 -20.46
CA ILE C 78 4.90 -4.08 -21.31
C ILE C 78 4.22 -5.23 -20.56
N LEU C 79 4.99 -6.03 -19.84
CA LEU C 79 4.46 -7.22 -19.18
C LEU C 79 3.52 -6.90 -18.03
N LYS C 80 3.62 -5.69 -17.49
CA LYS C 80 2.66 -5.23 -16.52
C LYS C 80 1.28 -5.21 -17.12
N CYS C 81 1.24 -5.04 -18.44
CA CYS C 81 0.00 -5.01 -19.17
C CYS C 81 -0.58 -6.40 -19.45
N ALA C 82 0.08 -7.44 -18.92
CA ALA C 82 -0.47 -8.80 -18.98
C ALA C 82 -1.14 -9.19 -17.66
N GLY C 83 -2.20 -9.98 -17.77
CA GLY C 83 -2.88 -10.56 -16.62
C GLY C 83 -2.10 -11.80 -16.26
N ASN C 84 -2.28 -12.29 -15.05
CA ASN C 84 -1.52 -13.46 -14.63
C ASN C 84 -1.95 -14.74 -15.32
N GLU C 85 -3.11 -14.71 -15.94
CA GLU C 85 -3.65 -15.88 -16.59
C GLU C 85 -3.65 -15.71 -18.11
N ASP C 86 -3.12 -14.60 -18.60
CA ASP C 86 -2.99 -14.41 -20.03
C ASP C 86 -2.14 -15.53 -20.54
N ILE C 87 -2.46 -16.01 -21.73
CA ILE C 87 -1.55 -16.87 -22.46
C ILE C 87 -0.61 -15.94 -23.18
N ILE C 88 0.67 -15.99 -22.84
CA ILE C 88 1.63 -15.03 -23.37
C ILE C 88 2.50 -15.62 -24.48
N THR C 89 2.56 -14.90 -25.61
CA THR C 89 3.32 -15.37 -26.75
C THR C 89 4.37 -14.36 -27.15
N LEU C 90 5.58 -14.83 -27.34
CA LEU C 90 6.64 -14.00 -27.85
C LEU C 90 6.87 -14.39 -29.29
N ARG C 91 7.07 -13.40 -30.15
CA ARG C 91 7.31 -13.68 -31.54
C ARG C 91 8.31 -12.70 -32.07
N ALA C 92 9.20 -13.19 -32.92
CA ALA C 92 10.14 -12.34 -33.63
C ALA C 92 10.17 -12.85 -35.06
N GLU C 93 10.26 -11.94 -36.01
CA GLU C 93 10.21 -12.36 -37.38
C GLU C 93 11.57 -12.30 -38.03
N ASP C 94 11.57 -12.41 -39.35
CA ASP C 94 12.76 -12.42 -40.18
C ASP C 94 13.94 -11.60 -39.73
N ASN C 95 13.75 -10.29 -39.59
CA ASN C 95 14.87 -9.40 -39.35
C ASN C 95 15.21 -9.13 -37.88
N ALA C 96 14.29 -9.44 -36.97
CA ALA C 96 14.53 -9.33 -35.52
C ALA C 96 14.70 -7.88 -35.07
N ASP C 97 13.94 -7.00 -35.68
CA ASP C 97 13.96 -5.58 -35.36
C ASP C 97 13.16 -5.29 -34.12
N THR C 98 12.03 -5.99 -34.03
CA THR C 98 11.14 -5.81 -32.91
C THR C 98 10.86 -7.17 -32.35
N LEU C 99 10.48 -7.18 -31.07
CA LEU C 99 9.97 -8.36 -30.40
C LEU C 99 8.52 -8.14 -30.09
N ALA C 100 7.69 -9.08 -30.47
CA ALA C 100 6.27 -8.92 -30.27
C ALA C 100 5.81 -9.77 -29.10
N LEU C 101 4.94 -9.20 -28.28
CA LEU C 101 4.42 -9.90 -27.13
C LEU C 101 2.92 -9.91 -27.24
N VAL C 102 2.31 -11.08 -27.19
CA VAL C 102 0.91 -11.19 -27.47
C VAL C 102 0.25 -11.76 -26.24
N PHE C 103 -0.79 -11.11 -25.74
CA PHE C 103 -1.48 -11.55 -24.54
C PHE C 103 -2.91 -11.97 -24.80
N GLU C 104 -3.17 -13.25 -24.69
CA GLU C 104 -4.53 -13.71 -24.87
C GLU C 104 -5.18 -13.96 -23.51
N ALA C 105 -6.25 -13.22 -23.26
CA ALA C 105 -7.00 -13.38 -22.03
C ALA C 105 -7.92 -14.58 -22.11
N PRO C 106 -8.06 -15.30 -20.99
CA PRO C 106 -9.01 -16.41 -20.90
C PRO C 106 -10.44 -15.89 -20.90
N ASN C 107 -10.65 -14.59 -20.61
CA ASN C 107 -11.98 -14.00 -20.80
C ASN C 107 -12.39 -14.14 -22.27
N GLN C 108 -11.38 -14.07 -23.16
CA GLN C 108 -11.50 -14.36 -24.61
C GLN C 108 -11.95 -13.21 -25.49
N GLU C 109 -12.31 -12.11 -24.87
CA GLU C 109 -12.74 -10.94 -25.62
C GLU C 109 -11.54 -10.06 -25.90
N LYS C 110 -10.36 -10.46 -25.41
CA LYS C 110 -9.24 -9.54 -25.45
C LYS C 110 -8.00 -10.21 -25.94
N VAL C 111 -7.34 -9.57 -26.89
CA VAL C 111 -6.05 -10.01 -27.32
C VAL C 111 -5.26 -8.72 -27.35
N SER C 112 -4.22 -8.67 -26.55
CA SER C 112 -3.36 -7.51 -26.52
C SER C 112 -2.13 -7.84 -27.29
N ASP C 113 -1.57 -6.82 -27.92
CA ASP C 113 -0.45 -6.94 -28.82
C ASP C 113 0.53 -5.82 -28.59
N TYR C 114 1.74 -6.18 -28.16
CA TYR C 114 2.79 -5.20 -27.90
C TYR C 114 4.06 -5.54 -28.62
N GLU C 115 4.77 -4.50 -29.05
CA GLU C 115 5.99 -4.64 -29.81
C GLU C 115 7.04 -3.67 -29.38
N MET C 116 8.13 -4.20 -28.86
CA MET C 116 9.20 -3.36 -28.38
C MET C 116 10.38 -3.52 -29.30
N LYS C 117 11.17 -2.45 -29.38
CA LYS C 117 12.34 -2.41 -30.23
C LYS C 117 13.48 -3.17 -29.60
N LEU C 118 14.24 -3.88 -30.41
CA LEU C 118 15.39 -4.63 -29.93
C LEU C 118 16.66 -3.83 -30.17
N MET C 119 17.28 -3.35 -29.11
CA MET C 119 18.51 -2.60 -29.24
C MET C 119 19.66 -3.49 -29.63
N ASP C 120 20.79 -2.86 -29.92
CA ASP C 120 21.94 -3.64 -30.30
C ASP C 120 22.90 -3.53 -29.14
N LEU C 121 23.28 -4.70 -28.60
CA LEU C 121 23.95 -4.81 -27.31
C LEU C 121 25.31 -5.48 -27.43
N ASP C 122 26.30 -4.95 -26.72
CA ASP C 122 27.63 -5.58 -26.65
C ASP C 122 27.77 -6.69 -25.60
N VAL C 123 28.56 -7.69 -25.94
CA VAL C 123 28.54 -8.96 -25.26
C VAL C 123 29.70 -9.26 -24.30
N GLU C 124 29.65 -8.84 -23.02
CA GLU C 124 30.72 -9.31 -22.14
C GLU C 124 30.23 -10.55 -21.40
N GLN C 125 30.43 -11.71 -21.97
CA GLN C 125 29.94 -12.92 -21.34
C GLN C 125 31.01 -13.44 -20.42
N LEU C 126 30.58 -14.31 -19.52
CA LEU C 126 31.46 -15.01 -18.60
C LEU C 126 31.16 -16.50 -18.60
N GLY C 127 32.13 -17.31 -18.21
CA GLY C 127 31.93 -18.74 -18.26
C GLY C 127 31.85 -19.26 -16.85
N ILE C 128 30.68 -19.79 -16.51
CA ILE C 128 30.48 -20.34 -15.19
C ILE C 128 30.63 -21.83 -15.23
N PRO C 129 31.77 -22.32 -14.77
CA PRO C 129 32.00 -23.76 -14.80
C PRO C 129 31.05 -24.48 -13.84
N GLU C 130 30.67 -25.70 -14.19
CA GLU C 130 29.86 -26.51 -13.30
C GLU C 130 30.70 -27.04 -12.16
N GLN C 131 30.31 -26.74 -10.93
CA GLN C 131 30.97 -27.30 -9.77
C GLN C 131 29.99 -27.95 -8.81
N GLU C 132 30.53 -28.66 -7.83
CA GLU C 132 29.74 -29.04 -6.68
C GLU C 132 30.31 -28.25 -5.54
N TYR C 133 29.54 -28.14 -4.48
CA TYR C 133 29.76 -27.12 -3.49
C TYR C 133 29.93 -27.71 -2.12
N SER C 134 30.86 -27.14 -1.35
CA SER C 134 31.06 -27.53 0.04
C SER C 134 29.76 -27.69 0.82
N CYS C 135 28.90 -26.69 0.76
CA CYS C 135 27.68 -26.71 1.55
C CYS C 135 26.54 -26.22 0.67
N VAL C 136 25.38 -26.87 0.79
CA VAL C 136 24.23 -26.54 -0.05
C VAL C 136 22.95 -26.53 0.75
N VAL C 137 22.27 -25.39 0.79
CA VAL C 137 21.08 -25.27 1.64
C VAL C 137 19.78 -25.04 0.88
N LYS C 138 18.79 -25.88 1.12
CA LYS C 138 17.49 -25.69 0.53
C LYS C 138 16.52 -25.31 1.63
N MET C 139 15.76 -24.25 1.40
CA MET C 139 14.92 -23.68 2.44
C MET C 139 13.82 -22.87 1.79
N PRO C 140 12.76 -22.56 2.55
CA PRO C 140 11.71 -21.71 2.01
C PRO C 140 12.18 -20.32 1.54
N SER C 141 11.79 -19.93 0.34
CA SER C 141 12.27 -18.71 -0.28
C SER C 141 11.78 -17.49 0.48
N GLY C 142 10.69 -17.64 1.20
CA GLY C 142 10.15 -16.57 2.01
C GLY C 142 10.92 -16.34 3.29
N GLU C 143 11.34 -17.44 3.91
CA GLU C 143 12.23 -17.39 5.07
C GLU C 143 13.49 -16.66 4.70
N PHE C 144 14.09 -17.08 3.60
CA PHE C 144 15.30 -16.46 3.13
C PHE C 144 15.12 -14.99 2.80
N ALA C 145 14.03 -14.66 2.13
CA ALA C 145 13.74 -13.27 1.81
C ALA C 145 13.64 -12.41 3.07
N ARG C 146 13.09 -12.99 4.12
CA ARG C 146 12.98 -12.29 5.38
C ARG C 146 14.30 -12.16 6.12
N ILE C 147 15.08 -13.22 6.18
CA ILE C 147 16.40 -13.15 6.76
C ILE C 147 17.14 -11.95 6.16
N CYS C 148 17.08 -11.82 4.86
CA CYS C 148 17.82 -10.77 4.19
C CYS C 148 17.31 -9.36 4.46
N ARG C 149 16.03 -9.22 4.65
CA ARG C 149 15.38 -7.96 4.83
C ARG C 149 15.63 -7.49 6.21
N ASP C 150 15.46 -8.37 7.16
CA ASP C 150 15.67 -8.11 8.58
C ASP C 150 17.08 -7.68 8.94
N LEU C 151 18.07 -8.48 8.56
CA LEU C 151 19.45 -8.15 8.91
C LEU C 151 19.92 -6.86 8.25
N SER C 152 19.20 -6.38 7.24
CA SER C 152 19.54 -5.12 6.62
C SER C 152 19.23 -3.96 7.58
N HIS C 153 18.44 -4.24 8.61
CA HIS C 153 18.19 -3.24 9.64
C HIS C 153 19.42 -3.13 10.54
N ILE C 154 20.21 -4.21 10.58
CA ILE C 154 21.33 -4.37 11.50
C ILE C 154 22.67 -3.95 10.90
N GLY C 155 22.95 -4.42 9.69
CA GLY C 155 24.21 -4.16 9.04
C GLY C 155 24.10 -4.19 7.52
N ASP C 156 25.21 -3.99 6.84
CA ASP C 156 25.20 -3.90 5.38
C ASP C 156 25.74 -5.16 4.73
N ALA C 157 26.33 -6.02 5.56
CA ALA C 157 26.87 -7.30 5.14
C ALA C 157 26.48 -8.43 6.09
N VAL C 158 26.19 -9.61 5.54
CA VAL C 158 25.88 -10.82 6.32
C VAL C 158 26.98 -11.91 6.32
N VAL C 159 27.20 -12.56 7.45
CA VAL C 159 28.15 -13.67 7.48
C VAL C 159 27.39 -14.97 7.60
N ILE C 160 27.46 -15.79 6.56
CA ILE C 160 26.79 -17.08 6.56
C ILE C 160 27.71 -18.19 6.99
N SER C 161 27.31 -18.91 8.03
CA SER C 161 28.11 -19.97 8.61
C SER C 161 27.32 -21.27 8.47
N CYS C 162 27.84 -22.20 7.69
CA CYS C 162 27.09 -23.43 7.48
C CYS C 162 27.81 -24.60 8.15
N ALA C 163 27.12 -25.32 9.04
CA ALA C 163 27.67 -26.51 9.71
C ALA C 163 26.85 -27.79 9.49
N LYS C 164 27.14 -28.82 10.28
CA LYS C 164 26.61 -30.15 10.00
C LYS C 164 25.10 -30.26 10.11
N ASP C 165 24.49 -29.49 11.02
CA ASP C 165 23.06 -29.57 11.10
C ASP C 165 22.42 -28.22 11.47
N GLY C 166 22.66 -27.24 10.61
CA GLY C 166 22.26 -25.86 10.83
C GLY C 166 23.16 -24.80 10.23
N VAL C 167 22.54 -23.76 9.71
CA VAL C 167 23.23 -22.60 9.12
C VAL C 167 22.98 -21.34 9.96
N LYS C 168 23.97 -20.46 10.05
CA LYS C 168 23.80 -19.26 10.86
C LYS C 168 24.09 -18.02 10.06
N PHE C 169 23.17 -17.07 10.10
CA PHE C 169 23.36 -15.80 9.41
C PHE C 169 23.62 -14.72 10.43
N SER C 170 24.67 -13.94 10.21
CA SER C 170 25.11 -12.97 11.20
C SER C 170 25.33 -11.63 10.52
N ALA C 171 25.03 -10.57 11.23
CA ALA C 171 25.32 -9.23 10.77
C ALA C 171 25.53 -8.34 11.98
N SER C 172 26.29 -7.26 11.80
CA SER C 172 26.53 -6.32 12.87
C SER C 172 26.58 -4.90 12.36
N GLY C 173 26.30 -3.95 13.23
CA GLY C 173 26.27 -2.55 12.88
C GLY C 173 26.27 -1.73 14.14
N GLU C 174 25.73 -0.51 14.08
CA GLU C 174 25.76 0.42 15.21
C GLU C 174 24.80 0.06 16.35
N LEU C 175 23.60 -0.35 16.01
CA LEU C 175 22.59 -0.80 16.97
C LEU C 175 23.16 -1.89 17.85
N GLY C 176 23.84 -2.82 17.20
CA GLY C 176 24.42 -3.98 17.84
C GLY C 176 24.59 -4.98 16.73
N ASN C 177 24.41 -6.26 17.05
CA ASN C 177 24.53 -7.33 16.06
C ASN C 177 23.43 -8.42 16.21
N GLY C 178 23.16 -9.15 15.14
CA GLY C 178 22.15 -10.17 15.17
C GLY C 178 22.59 -11.46 14.53
N ASN C 179 22.01 -12.56 14.97
CA ASN C 179 22.35 -13.87 14.43
C ASN C 179 21.10 -14.73 14.28
N ILE C 180 20.90 -15.31 13.11
CA ILE C 180 19.77 -16.21 12.91
C ILE C 180 20.20 -17.63 12.62
N LYS C 181 19.66 -18.57 13.39
CA LYS C 181 20.05 -19.97 13.28
C LYS C 181 18.87 -20.80 12.82
N LEU C 182 19.06 -21.49 11.72
CA LEU C 182 18.11 -22.46 11.21
C LEU C 182 18.62 -23.87 11.37
N SER C 183 17.72 -24.79 11.68
CA SER C 183 18.09 -26.19 11.80
C SER C 183 17.32 -27.02 10.79
N GLN C 184 17.72 -28.27 10.64
CA GLN C 184 17.08 -29.13 9.66
C GLN C 184 15.80 -29.69 10.20
N THR C 185 14.83 -29.85 9.31
CA THR C 185 13.48 -30.21 9.72
C THR C 185 13.21 -31.72 9.67
N SER C 186 12.07 -32.11 10.25
CA SER C 186 11.52 -33.47 10.19
C SER C 186 11.74 -34.17 8.85
N GLU C 191 9.94 -32.29 0.19
CA GLU C 191 8.87 -31.29 0.24
C GLU C 191 9.41 -29.86 0.16
N GLU C 192 8.49 -28.92 0.13
CA GLU C 192 8.80 -27.52 -0.11
C GLU C 192 9.21 -26.69 1.11
N GLU C 193 8.80 -27.09 2.30
CA GLU C 193 8.94 -26.17 3.43
C GLU C 193 9.96 -26.66 4.43
N ALA C 194 10.57 -27.78 4.08
CA ALA C 194 11.60 -28.38 4.90
C ALA C 194 12.87 -27.53 4.78
N VAL C 195 13.73 -27.60 5.78
CA VAL C 195 15.05 -27.03 5.64
C VAL C 195 16.06 -28.17 5.68
N THR C 196 16.77 -28.35 4.57
CA THR C 196 17.71 -29.43 4.40
C THR C 196 19.10 -28.91 4.05
N ILE C 197 20.12 -29.61 4.53
CA ILE C 197 21.52 -29.22 4.32
C ILE C 197 22.38 -30.39 3.86
N GLU C 198 23.01 -30.25 2.70
CA GLU C 198 24.01 -31.21 2.26
C GLU C 198 25.39 -30.59 2.37
N MET C 199 26.19 -31.07 3.32
CA MET C 199 27.48 -30.45 3.60
C MET C 199 28.64 -31.43 3.54
N ASN C 200 29.62 -31.14 2.67
CA ASN C 200 30.84 -31.94 2.61
C ASN C 200 31.94 -31.27 3.40
N GLU C 201 31.78 -29.98 3.60
CA GLU C 201 32.79 -29.18 4.26
C GLU C 201 32.15 -27.88 4.75
N PRO C 202 32.30 -27.57 6.04
CA PRO C 202 31.75 -26.36 6.64
C PRO C 202 32.20 -25.08 5.95
N VAL C 203 31.31 -24.12 5.70
CA VAL C 203 31.72 -22.84 5.12
C VAL C 203 31.23 -21.64 5.93
N GLN C 204 32.06 -20.60 5.98
CA GLN C 204 31.71 -19.33 6.63
C GLN C 204 32.12 -18.18 5.73
N LEU C 205 31.15 -17.52 5.12
CA LEU C 205 31.42 -16.47 4.16
C LEU C 205 30.64 -15.18 4.42
N THR C 206 30.95 -14.14 3.66
CA THR C 206 30.45 -12.78 3.88
C THR C 206 29.96 -12.20 2.59
N PHE C 207 28.76 -11.65 2.58
CA PHE C 207 28.18 -11.10 1.36
C PHE C 207 27.42 -9.78 1.56
N ALA C 208 27.31 -8.98 0.50
CA ALA C 208 26.54 -7.75 0.53
C ALA C 208 25.06 -8.03 0.57
N LEU C 209 24.39 -7.49 1.56
CA LEU C 209 22.98 -7.71 1.72
C LEU C 209 22.20 -6.92 0.66
N ARG C 210 22.81 -5.86 0.14
CA ARG C 210 22.16 -5.05 -0.88
C ARG C 210 21.79 -5.89 -2.06
N TYR C 211 22.72 -6.74 -2.48
CA TYR C 211 22.54 -7.57 -3.66
C TYR C 211 21.58 -8.70 -3.42
N LEU C 212 21.67 -9.31 -2.24
CA LEU C 212 20.77 -10.39 -1.91
C LEU C 212 19.33 -9.97 -1.95
N ASN C 213 19.07 -8.71 -1.59
CA ASN C 213 17.73 -8.21 -1.57
C ASN C 213 17.16 -7.96 -2.95
N PHE C 214 18.03 -7.77 -3.93
CA PHE C 214 17.62 -7.79 -5.32
C PHE C 214 17.29 -9.19 -5.71
N PHE C 215 18.05 -10.12 -5.18
CA PHE C 215 17.84 -11.51 -5.54
C PHE C 215 16.48 -11.96 -5.06
N THR C 216 16.05 -11.47 -3.90
CA THR C 216 14.85 -12.02 -3.29
C THR C 216 13.64 -11.52 -4.04
N LYS C 217 13.86 -10.61 -4.99
CA LYS C 217 12.80 -10.16 -5.88
C LYS C 217 12.36 -11.33 -6.74
N ALA C 218 13.13 -12.40 -6.75
CA ALA C 218 12.72 -13.58 -7.48
C ALA C 218 11.86 -14.49 -6.63
N THR C 219 11.56 -14.09 -5.40
CA THR C 219 10.80 -14.93 -4.48
C THR C 219 9.47 -15.45 -4.99
N PRO C 220 8.68 -14.61 -5.69
CA PRO C 220 7.39 -15.14 -6.11
C PRO C 220 7.48 -16.24 -7.16
N LEU C 221 8.68 -16.61 -7.58
CA LEU C 221 8.87 -17.64 -8.59
C LEU C 221 8.86 -19.06 -8.08
N SER C 222 9.18 -19.21 -6.80
CA SER C 222 9.44 -20.51 -6.21
C SER C 222 9.25 -20.43 -4.70
N SER C 223 8.60 -21.44 -4.15
CA SER C 223 8.37 -21.58 -2.73
C SER C 223 9.65 -21.85 -1.97
N THR C 224 10.58 -22.46 -2.67
CA THR C 224 11.81 -22.93 -2.11
C THR C 224 12.98 -22.29 -2.82
N VAL C 225 14.07 -22.05 -2.11
CA VAL C 225 15.29 -21.49 -2.68
C VAL C 225 16.48 -22.31 -2.23
N THR C 226 17.49 -22.44 -3.08
CA THR C 226 18.69 -23.15 -2.65
C THR C 226 19.90 -22.25 -2.70
N LEU C 227 20.75 -22.33 -1.69
CA LEU C 227 22.01 -21.59 -1.66
C LEU C 227 23.17 -22.58 -1.73
N SER C 228 24.16 -22.29 -2.55
CA SER C 228 25.32 -23.16 -2.70
C SER C 228 26.58 -22.39 -2.40
N MET C 229 27.45 -22.95 -1.55
CA MET C 229 28.68 -22.24 -1.18
C MET C 229 29.95 -23.11 -1.20
N SER C 230 31.07 -22.48 -1.54
CA SER C 230 32.37 -23.03 -1.29
C SER C 230 33.23 -21.83 -0.94
N ALA C 231 34.31 -22.06 -0.23
CA ALA C 231 35.23 -20.96 0.07
C ALA C 231 35.90 -20.49 -1.21
N ASP C 232 36.06 -19.18 -1.35
CA ASP C 232 36.72 -18.58 -2.52
C ASP C 232 36.01 -18.89 -3.83
N VAL C 233 34.69 -19.08 -3.80
CA VAL C 233 33.92 -19.07 -5.03
C VAL C 233 32.61 -18.35 -4.76
N PRO C 234 32.03 -17.79 -5.82
CA PRO C 234 30.79 -17.04 -5.67
C PRO C 234 29.67 -17.89 -5.15
N LEU C 235 28.81 -17.25 -4.39
CA LEU C 235 27.59 -17.87 -3.94
C LEU C 235 26.64 -18.06 -5.11
N VAL C 236 25.87 -19.14 -5.12
CA VAL C 236 24.79 -19.28 -6.08
C VAL C 236 23.45 -19.36 -5.40
N VAL C 237 22.57 -18.42 -5.72
CA VAL C 237 21.19 -18.42 -5.25
C VAL C 237 20.26 -18.82 -6.38
N GLU C 238 19.56 -19.92 -6.21
CA GLU C 238 18.82 -20.55 -7.29
C GLU C 238 17.35 -20.70 -7.02
N TYR C 239 16.52 -20.16 -7.89
CA TYR C 239 15.07 -20.35 -7.85
C TYR C 239 14.62 -21.18 -9.05
N LYS C 240 13.74 -22.16 -8.85
CA LYS C 240 13.37 -22.99 -9.98
C LYS C 240 11.99 -22.63 -10.51
N ILE C 241 11.99 -22.26 -11.78
CA ILE C 241 10.78 -22.03 -12.53
C ILE C 241 10.32 -23.40 -12.93
N ALA C 242 9.51 -24.07 -12.12
CA ALA C 242 9.43 -25.55 -12.16
C ALA C 242 8.94 -26.08 -13.46
N ASP C 243 9.67 -27.09 -13.94
CA ASP C 243 9.45 -27.82 -15.21
C ASP C 243 10.05 -27.12 -16.40
N MET C 244 10.58 -25.91 -16.22
CA MET C 244 11.06 -25.23 -17.38
C MET C 244 12.50 -24.81 -17.28
N GLY C 245 13.01 -24.63 -16.08
CA GLY C 245 14.29 -23.98 -15.93
C GLY C 245 14.49 -23.29 -14.60
N HIS C 246 15.39 -22.33 -14.56
CA HIS C 246 15.74 -21.68 -13.34
C HIS C 246 16.26 -20.26 -13.50
N LEU C 247 16.37 -19.61 -12.36
CA LEU C 247 16.95 -18.31 -12.24
C LEU C 247 18.02 -18.45 -11.18
N LYS C 248 19.26 -18.31 -11.59
CA LYS C 248 20.40 -18.42 -10.71
C LYS C 248 21.01 -17.07 -10.55
N TYR C 249 21.26 -16.66 -9.32
CA TYR C 249 22.04 -15.45 -9.10
C TYR C 249 23.41 -15.80 -8.54
N TYR C 250 24.45 -15.14 -9.04
CA TYR C 250 25.80 -15.38 -8.58
C TYR C 250 26.31 -14.11 -7.92
N LEU C 251 27.01 -14.27 -6.81
CA LEU C 251 27.48 -13.14 -6.02
C LEU C 251 28.91 -13.35 -5.49
N ALA C 252 29.75 -12.35 -5.69
CA ALA C 252 31.12 -12.38 -5.21
C ALA C 252 31.15 -12.02 -3.73
N PRO C 253 31.87 -12.81 -2.92
CA PRO C 253 32.06 -12.58 -1.49
C PRO C 253 32.87 -11.33 -1.15
N LYS C 254 32.90 -10.93 0.13
CA LYS C 254 33.69 -9.79 0.57
C LYS C 254 34.98 -10.22 1.26
N ILE C 255 35.95 -9.29 1.32
CA ILE C 255 37.35 -9.52 1.74
C ILE C 255 37.83 -10.86 1.19
N SER D 3 36.84 -5.59 5.39
CA SER D 3 36.28 -6.14 4.15
C SER D 3 36.51 -5.30 2.91
N HIS D 4 36.51 -6.02 1.79
CA HIS D 4 36.62 -5.48 0.43
C HIS D 4 35.71 -6.24 -0.52
N GLN D 5 35.12 -5.56 -1.49
CA GLN D 5 34.18 -6.21 -2.38
C GLN D 5 34.87 -6.68 -3.64
N ASN D 6 34.81 -7.99 -3.87
CA ASN D 6 35.45 -8.59 -5.04
C ASN D 6 34.52 -8.69 -6.23
N VAL D 7 35.11 -8.73 -7.42
CA VAL D 7 34.33 -8.82 -8.65
C VAL D 7 34.32 -10.25 -9.18
N LEU D 8 33.32 -10.59 -9.99
CA LEU D 8 33.19 -11.91 -10.55
C LEU D 8 34.26 -12.16 -11.60
N SER D 9 34.92 -11.09 -12.03
CA SER D 9 36.02 -11.21 -12.98
C SER D 9 37.11 -12.07 -12.37
N ASN D 10 37.26 -11.90 -11.07
CA ASN D 10 38.25 -12.61 -10.28
C ASN D 10 37.95 -14.08 -10.12
N TYR D 11 36.85 -14.55 -10.68
CA TYR D 11 36.42 -15.92 -10.42
C TYR D 11 35.98 -16.63 -11.68
N PHE D 12 35.47 -15.86 -12.65
CA PHE D 12 34.97 -16.47 -13.86
C PHE D 12 35.68 -15.81 -15.02
N PRO D 13 36.08 -16.60 -16.00
CA PRO D 13 36.79 -16.14 -17.19
C PRO D 13 35.89 -15.41 -18.17
N ARG D 14 36.45 -14.48 -18.94
CA ARG D 14 35.72 -13.81 -20.01
C ARG D 14 35.61 -14.69 -21.25
N VAL D 15 34.50 -15.40 -21.34
CA VAL D 15 34.14 -16.22 -22.48
C VAL D 15 33.38 -15.49 -23.57
N SER D 16 33.98 -15.36 -24.76
CA SER D 16 33.25 -14.78 -25.89
C SER D 16 32.93 -15.84 -26.96
N MET E 1 22.33 -10.37 36.61
CA MET E 1 21.40 -10.99 35.67
C MET E 1 19.97 -10.45 35.69
N PHE E 2 19.41 -10.28 34.50
CA PHE E 2 17.98 -10.03 34.34
C PHE E 2 17.46 -10.90 33.20
N GLU E 3 16.42 -11.69 33.44
CA GLU E 3 15.87 -12.55 32.38
C GLU E 3 14.36 -12.65 32.44
N ALA E 4 13.69 -12.24 31.36
CA ALA E 4 12.23 -12.30 31.26
C ALA E 4 11.76 -12.91 29.95
N ARG E 5 10.77 -13.78 30.03
CA ARG E 5 10.33 -14.60 28.90
C ARG E 5 8.83 -14.46 28.67
N LEU E 6 8.45 -14.23 27.42
CA LEU E 6 7.05 -13.95 27.08
C LEU E 6 6.60 -14.69 25.84
N VAL E 7 5.68 -15.62 26.01
CA VAL E 7 5.34 -16.49 24.91
C VAL E 7 4.46 -15.79 23.89
N GLN E 8 3.68 -14.81 24.31
CA GLN E 8 2.98 -14.00 23.32
C GLN E 8 3.84 -12.78 23.06
N GLY E 9 4.81 -12.97 22.19
CA GLY E 9 5.82 -11.96 21.96
C GLY E 9 5.28 -10.76 21.25
N SER E 10 4.19 -10.94 20.51
CA SER E 10 3.60 -9.86 19.75
C SER E 10 3.29 -8.66 20.65
N ILE E 11 3.05 -8.93 21.93
CA ILE E 11 2.83 -7.89 22.93
C ILE E 11 3.94 -6.84 22.82
N LEU E 12 5.18 -7.31 22.79
CA LEU E 12 6.30 -6.40 22.86
C LEU E 12 6.49 -5.68 21.56
N LYS E 13 6.15 -6.38 20.48
CA LYS E 13 6.19 -5.81 19.16
C LYS E 13 5.21 -4.66 19.12
N LYS E 14 4.03 -4.88 19.66
CA LYS E 14 3.02 -3.85 19.63
C LYS E 14 3.37 -2.68 20.51
N VAL E 15 4.00 -2.98 21.64
CA VAL E 15 4.41 -1.92 22.57
C VAL E 15 5.40 -0.95 21.93
N LEU E 16 6.42 -1.47 21.29
CA LEU E 16 7.37 -0.58 20.69
C LEU E 16 6.90 0.08 19.42
N GLU E 17 5.85 -0.44 18.82
CA GLU E 17 5.24 0.23 17.68
C GLU E 17 4.48 1.41 18.22
N ALA E 18 4.02 1.28 19.45
CA ALA E 18 3.22 2.31 20.06
C ALA E 18 4.11 3.43 20.61
N LEU E 19 5.42 3.22 20.66
CA LEU E 19 6.31 4.20 21.29
C LEU E 19 7.20 4.94 20.31
N LYS E 20 7.68 4.20 19.32
CA LYS E 20 8.88 4.59 18.58
C LYS E 20 8.77 5.86 17.74
N ASP E 21 7.56 6.27 17.40
CA ASP E 21 7.34 7.50 16.64
C ASP E 21 7.28 8.73 17.54
N LEU E 22 7.04 8.47 18.82
CA LEU E 22 6.85 9.53 19.79
C LEU E 22 8.14 9.93 20.49
N ILE E 23 8.93 8.93 20.87
CA ILE E 23 10.14 9.17 21.64
C ILE E 23 11.29 8.35 21.11
N ASN E 24 12.49 8.92 21.14
CA ASN E 24 13.66 8.29 20.51
C ASN E 24 14.44 7.53 21.56
N GLU E 25 14.39 8.07 22.75
CA GLU E 25 15.09 7.48 23.85
C GLU E 25 14.16 7.40 25.02
N ALA E 26 14.45 6.48 25.91
CA ALA E 26 13.66 6.32 27.11
C ALA E 26 14.46 5.36 27.93
N CYS E 27 14.19 5.36 29.22
CA CYS E 27 14.99 4.59 30.14
C CYS E 27 14.09 3.53 30.73
N TRP E 28 14.55 2.29 30.73
CA TRP E 28 13.76 1.19 31.25
C TRP E 28 14.13 0.85 32.67
N ASP E 29 13.18 1.02 33.57
CA ASP E 29 13.40 0.70 34.97
C ASP E 29 12.98 -0.73 35.24
N ILE E 30 13.95 -1.62 35.42
CA ILE E 30 13.62 -2.99 35.75
C ILE E 30 13.73 -3.17 37.26
N SER E 31 12.71 -3.82 37.85
CA SER E 31 12.69 -4.16 39.28
C SER E 31 12.13 -5.55 39.35
N SER E 32 11.84 -6.04 40.56
CA SER E 32 11.34 -7.39 40.68
C SER E 32 9.83 -7.44 40.48
N SER E 33 9.24 -6.28 40.22
CA SER E 33 7.80 -6.21 40.09
C SER E 33 7.43 -6.06 38.63
N GLY E 34 8.44 -5.89 37.79
CA GLY E 34 8.22 -5.73 36.36
C GLY E 34 8.92 -4.55 35.72
N VAL E 35 8.35 -4.06 34.63
CA VAL E 35 8.98 -3.00 33.84
C VAL E 35 8.14 -1.72 33.85
N ASN E 36 8.80 -0.61 34.14
CA ASN E 36 8.20 0.70 33.96
C ASN E 36 8.98 1.53 32.96
N LEU E 37 8.27 2.32 32.17
CA LEU E 37 8.93 3.25 31.28
C LEU E 37 8.17 4.55 31.30
N GLN E 38 8.90 5.67 31.32
CA GLN E 38 8.29 6.98 31.30
C GLN E 38 9.21 7.92 30.54
N SER E 39 8.63 8.78 29.72
CA SER E 39 9.41 9.75 28.97
C SER E 39 8.47 10.76 28.33
N MET E 40 8.97 11.96 28.10
CA MET E 40 8.27 12.94 27.29
C MET E 40 8.79 12.87 25.88
N ASP E 41 8.09 13.49 24.95
CA ASP E 41 8.59 13.64 23.61
C ASP E 41 9.33 14.95 23.56
N SER E 42 9.99 15.21 22.44
CA SER E 42 10.82 16.40 22.26
C SER E 42 10.15 17.72 22.66
N SER E 43 8.86 17.84 22.41
CA SER E 43 8.17 19.11 22.69
C SER E 43 7.80 19.27 24.16
N HIS E 44 7.90 18.18 24.92
CA HIS E 44 7.49 18.18 26.32
C HIS E 44 5.99 18.42 26.44
N VAL E 45 5.24 18.13 25.39
CA VAL E 45 3.80 18.37 25.42
C VAL E 45 3.08 17.13 25.93
N SER E 46 3.61 15.97 25.56
CA SER E 46 3.04 14.70 25.98
C SER E 46 4.01 13.85 26.74
N LEU E 47 3.46 12.92 27.50
CA LEU E 47 4.26 11.98 28.25
C LEU E 47 3.56 10.63 28.23
N VAL E 48 4.35 9.59 28.32
CA VAL E 48 3.84 8.25 28.20
C VAL E 48 4.43 7.37 29.30
N GLN E 49 3.58 6.57 29.91
CA GLN E 49 3.93 5.71 31.01
C GLN E 49 3.55 4.29 30.68
N LEU E 50 4.52 3.40 30.72
CA LEU E 50 4.31 1.99 30.39
C LEU E 50 4.62 1.08 31.57
N THR E 51 3.69 0.20 31.87
CA THR E 51 3.80 -0.78 32.94
C THR E 51 3.60 -2.21 32.45
N LEU E 52 4.51 -3.12 32.85
CA LEU E 52 4.40 -4.55 32.56
C LEU E 52 4.71 -5.43 33.78
N ARG E 53 3.67 -6.01 34.36
CA ARG E 53 3.82 -6.77 35.59
C ARG E 53 4.44 -8.15 35.42
N SER E 54 5.31 -8.50 36.38
CA SER E 54 5.96 -9.79 36.46
C SER E 54 5.11 -11.01 36.15
N GLU E 55 3.92 -11.08 36.71
CA GLU E 55 3.16 -12.32 36.62
C GLU E 55 2.43 -12.46 35.29
N GLY E 56 2.66 -11.53 34.38
CA GLY E 56 2.11 -11.61 33.05
C GLY E 56 3.12 -12.29 32.13
N PHE E 57 4.32 -12.47 32.65
CA PHE E 57 5.36 -13.21 31.95
C PHE E 57 5.32 -14.66 32.35
N ASP E 58 5.93 -15.50 31.53
CA ASP E 58 5.95 -16.91 31.83
C ASP E 58 7.23 -17.29 32.55
N THR E 59 8.24 -16.42 32.46
CA THR E 59 9.45 -16.63 33.22
C THR E 59 10.12 -15.29 33.47
N TYR E 60 9.98 -14.82 34.70
CA TYR E 60 10.58 -13.57 35.10
C TYR E 60 11.52 -13.80 36.28
N ARG E 61 12.70 -13.19 36.23
CA ARG E 61 13.73 -13.32 37.25
C ARG E 61 14.64 -12.10 37.19
N CYS E 62 14.75 -11.41 38.31
CA CYS E 62 15.51 -10.18 38.47
C CYS E 62 16.41 -10.20 39.71
N ASP E 63 17.73 -10.21 39.52
CA ASP E 63 18.61 -10.32 40.66
C ASP E 63 18.66 -9.01 41.43
N ARG E 64 18.64 -7.88 40.73
CA ARG E 64 18.47 -6.57 41.39
C ARG E 64 18.19 -5.48 40.37
N ASN E 65 17.63 -4.36 40.80
CA ASN E 65 17.08 -3.32 39.91
C ASN E 65 18.06 -2.63 38.93
N LEU E 66 17.53 -2.29 37.76
CA LEU E 66 18.30 -1.84 36.59
C LEU E 66 17.68 -0.60 35.91
N ALA E 67 18.50 0.21 35.27
CA ALA E 67 18.02 1.31 34.45
C ALA E 67 18.68 1.28 33.07
N MET E 68 17.90 0.98 32.04
CA MET E 68 18.50 0.67 30.74
C MET E 68 18.23 1.72 29.69
N GLY E 69 19.28 2.45 29.33
CA GLY E 69 19.19 3.40 28.27
C GLY E 69 18.96 2.66 26.98
N VAL E 70 17.84 2.95 26.33
CA VAL E 70 17.49 2.23 25.13
C VAL E 70 17.11 3.26 24.11
N ASN E 71 17.71 3.20 22.95
CA ASN E 71 17.20 3.95 21.82
C ASN E 71 16.03 3.14 21.26
N LEU E 72 14.84 3.72 21.28
CA LEU E 72 13.64 2.99 20.92
C LEU E 72 13.46 2.80 19.44
N THR E 73 14.12 3.60 18.62
CA THR E 73 14.02 3.35 17.19
C THR E 73 14.78 2.07 16.88
N SER E 74 15.98 1.96 17.45
CA SER E 74 16.79 0.75 17.37
C SER E 74 16.05 -0.46 17.87
N MET E 75 15.45 -0.33 19.05
CA MET E 75 14.78 -1.47 19.69
C MET E 75 13.58 -1.91 18.89
N SER E 76 12.98 -0.98 18.17
CA SER E 76 11.88 -1.30 17.29
C SER E 76 12.40 -2.08 16.10
N LYS E 77 13.50 -1.62 15.53
CA LYS E 77 14.12 -2.26 14.38
C LYS E 77 14.38 -3.73 14.65
N ILE E 78 14.85 -4.00 15.84
CA ILE E 78 15.11 -5.36 16.28
C ILE E 78 13.82 -6.16 16.42
N LEU E 79 12.81 -5.59 17.06
CA LEU E 79 11.58 -6.30 17.32
C LEU E 79 10.81 -6.57 16.05
N LYS E 80 11.04 -5.75 15.04
CA LYS E 80 10.48 -6.01 13.73
C LYS E 80 10.92 -7.37 13.20
N CYS E 81 12.13 -7.77 13.59
CA CYS E 81 12.73 -9.03 13.17
C CYS E 81 12.21 -10.22 13.96
N ALA E 82 11.27 -10.00 14.85
CA ALA E 82 10.65 -11.11 15.57
C ALA E 82 9.41 -11.57 14.85
N GLY E 83 9.16 -12.86 14.89
CA GLY E 83 7.98 -13.37 14.24
C GLY E 83 6.79 -13.06 15.10
N ASN E 84 5.61 -13.14 14.49
CA ASN E 84 4.38 -12.80 15.15
C ASN E 84 4.06 -13.77 16.25
N GLU E 85 4.63 -14.97 16.16
CA GLU E 85 4.32 -16.07 17.06
C GLU E 85 5.52 -16.49 17.87
N ASP E 86 6.63 -15.81 17.67
CA ASP E 86 7.85 -16.10 18.42
C ASP E 86 7.69 -15.90 19.90
N ILE E 87 8.36 -16.76 20.66
CA ILE E 87 8.57 -16.60 22.09
C ILE E 87 9.76 -15.71 22.32
N ILE E 88 9.54 -14.55 22.89
CA ILE E 88 10.63 -13.58 23.05
C ILE E 88 11.17 -13.57 24.47
N THR E 89 12.49 -13.49 24.58
CA THR E 89 13.17 -13.50 25.84
C THR E 89 14.11 -12.31 25.91
N LEU E 90 14.09 -11.58 27.02
CA LEU E 90 15.06 -10.53 27.27
C LEU E 90 16.06 -10.90 28.34
N ARG E 91 17.33 -10.54 28.16
CA ARG E 91 18.36 -10.84 29.15
C ARG E 91 19.37 -9.71 29.30
N ALA E 92 19.79 -9.43 30.54
CA ALA E 92 20.87 -8.46 30.79
C ALA E 92 21.77 -8.92 31.96
N GLU E 93 23.08 -8.67 31.84
CA GLU E 93 24.06 -9.14 32.85
C GLU E 93 24.72 -8.05 33.70
N ASP E 94 25.81 -8.43 34.38
CA ASP E 94 26.70 -7.46 35.06
C ASP E 94 26.83 -6.16 34.29
N ASN E 95 27.17 -6.32 33.03
CA ASN E 95 27.66 -5.21 32.23
C ASN E 95 26.63 -4.16 31.87
N ALA E 96 25.42 -4.59 31.55
CA ALA E 96 24.33 -3.67 31.26
C ALA E 96 24.83 -2.78 30.12
N ASP E 97 25.74 -3.37 29.35
CA ASP E 97 26.41 -2.75 28.23
C ASP E 97 25.45 -2.88 27.07
N THR E 98 24.87 -4.06 26.99
CA THR E 98 23.91 -4.41 25.96
C THR E 98 22.69 -5.06 26.58
N LEU E 99 21.60 -5.07 25.83
CA LEU E 99 20.45 -5.88 26.20
C LEU E 99 20.33 -6.97 25.16
N ALA E 100 20.14 -8.21 25.58
CA ALA E 100 20.05 -9.33 24.65
C ALA E 100 18.60 -9.75 24.44
N LEU E 101 18.26 -10.05 23.20
CA LEU E 101 16.91 -10.43 22.81
C LEU E 101 16.87 -11.74 22.05
N VAL E 102 16.00 -12.63 22.49
CA VAL E 102 15.98 -13.98 21.91
C VAL E 102 14.65 -14.29 21.26
N PHE E 103 14.66 -14.67 19.99
CA PHE E 103 13.41 -14.99 19.32
C PHE E 103 13.40 -16.46 18.98
N GLU E 104 12.57 -17.22 19.69
CA GLU E 104 12.45 -18.63 19.40
C GLU E 104 11.17 -18.88 18.64
N ALA E 105 11.28 -19.57 17.51
CA ALA E 105 10.11 -19.94 16.77
C ALA E 105 9.48 -21.09 17.53
N PRO E 106 8.14 -21.17 17.55
CA PRO E 106 7.56 -22.31 18.27
C PRO E 106 7.83 -23.65 17.59
N ASN E 107 8.07 -23.63 16.27
CA ASN E 107 8.46 -24.85 15.59
C ASN E 107 9.82 -25.43 16.08
N GLN E 108 10.69 -24.56 16.56
CA GLN E 108 11.97 -24.97 17.14
C GLN E 108 13.15 -25.17 16.17
N GLU E 109 12.97 -24.86 14.88
CA GLU E 109 14.11 -24.91 13.96
C GLU E 109 14.64 -23.54 13.63
N LYS E 110 14.07 -22.50 14.23
CA LYS E 110 14.64 -21.19 14.01
C LYS E 110 14.74 -20.47 15.33
N VAL E 111 15.92 -19.93 15.60
CA VAL E 111 16.20 -19.12 16.78
C VAL E 111 16.97 -17.89 16.39
N SER E 112 16.42 -16.71 16.62
CA SER E 112 17.14 -15.49 16.33
C SER E 112 17.69 -14.87 17.61
N ASP E 113 18.83 -14.21 17.50
CA ASP E 113 19.53 -13.70 18.67
C ASP E 113 20.10 -12.33 18.39
N TYR E 114 19.61 -11.31 19.10
CA TYR E 114 20.06 -9.94 18.88
C TYR E 114 20.54 -9.32 20.18
N GLU E 115 21.53 -8.46 20.07
CA GLU E 115 22.18 -7.83 21.21
C GLU E 115 22.39 -6.35 20.86
N MET E 116 21.68 -5.44 21.53
CA MET E 116 21.78 -4.02 21.16
C MET E 116 22.49 -3.19 22.21
N LYS E 117 23.16 -2.14 21.78
CA LYS E 117 23.87 -1.31 22.73
C LYS E 117 22.95 -0.44 23.56
N LEU E 118 23.29 -0.31 24.83
CA LEU E 118 22.54 0.53 25.73
C LEU E 118 23.25 1.85 25.92
N MET E 119 22.71 2.93 25.41
CA MET E 119 23.32 4.22 25.66
C MET E 119 23.10 4.69 27.10
N ASP E 120 23.76 5.79 27.45
CA ASP E 120 23.66 6.36 28.78
C ASP E 120 22.85 7.64 28.75
N LEU E 121 21.83 7.67 29.59
CA LEU E 121 20.79 8.67 29.48
C LEU E 121 20.65 9.58 30.68
N ASP E 122 20.45 10.86 30.42
CA ASP E 122 20.11 11.80 31.48
C ASP E 122 18.65 11.62 31.71
N VAL E 123 18.29 11.54 32.99
CA VAL E 123 16.97 11.13 33.38
C VAL E 123 16.15 12.34 33.90
N GLU E 124 15.42 12.96 32.99
CA GLU E 124 14.54 14.09 33.35
C GLU E 124 13.21 13.51 33.81
N GLN E 125 13.10 13.29 35.11
CA GLN E 125 11.92 12.59 35.65
C GLN E 125 10.77 13.51 36.03
N LEU E 126 9.56 12.98 35.93
CA LEU E 126 8.35 13.67 36.35
C LEU E 126 7.54 12.63 37.08
N GLY E 127 6.60 13.09 37.89
CA GLY E 127 5.75 12.16 38.59
C GLY E 127 4.35 12.34 38.04
N ILE E 128 3.82 11.28 37.46
CA ILE E 128 2.44 11.32 37.04
C ILE E 128 1.68 10.70 38.18
N PRO E 129 1.10 11.55 39.02
CA PRO E 129 0.25 11.02 40.11
C PRO E 129 -1.12 10.80 39.50
N GLU E 130 -1.79 9.73 39.86
CA GLU E 130 -3.13 9.49 39.37
C GLU E 130 -4.12 10.46 39.99
N GLN E 131 -4.91 11.13 39.16
CA GLN E 131 -5.92 12.04 39.67
C GLN E 131 -7.34 11.71 39.42
N GLU E 132 -8.20 12.54 40.00
CA GLU E 132 -9.64 12.45 39.82
C GLU E 132 -9.97 13.06 38.47
N TYR E 133 -11.08 12.63 37.88
CA TYR E 133 -11.44 13.18 36.62
C TYR E 133 -12.91 13.48 36.66
N SER E 134 -13.23 14.72 36.29
CA SER E 134 -14.60 15.14 36.15
C SER E 134 -15.36 14.09 35.38
N CYS E 135 -14.78 13.68 34.25
CA CYS E 135 -15.43 12.70 33.43
C CYS E 135 -14.49 11.65 32.85
N VAL E 136 -14.98 10.41 32.76
CA VAL E 136 -14.19 9.30 32.26
C VAL E 136 -14.99 8.46 31.25
N VAL E 137 -14.46 8.39 30.03
CA VAL E 137 -15.14 7.78 28.90
C VAL E 137 -14.47 6.49 28.41
N LYS E 138 -15.23 5.41 28.34
CA LYS E 138 -14.72 4.14 27.87
C LYS E 138 -15.36 3.74 26.54
N MET E 139 -14.55 3.31 25.58
CA MET E 139 -15.07 3.06 24.25
C MET E 139 -14.13 2.15 23.48
N PRO E 140 -14.62 1.53 22.40
CA PRO E 140 -13.75 0.69 21.57
C PRO E 140 -12.62 1.50 20.98
N SER E 141 -11.41 0.99 21.09
CA SER E 141 -10.23 1.74 20.71
C SER E 141 -10.18 2.06 19.22
N GLY E 142 -10.77 1.21 18.41
CA GLY E 142 -10.79 1.46 16.99
C GLY E 142 -11.72 2.60 16.65
N GLU E 143 -12.82 2.69 17.38
CA GLU E 143 -13.75 3.79 17.28
C GLU E 143 -13.06 5.10 17.61
N PHE E 144 -12.34 5.14 18.71
CA PHE E 144 -11.61 6.34 19.06
C PHE E 144 -10.59 6.71 18.02
N ALA E 145 -9.83 5.73 17.57
CA ALA E 145 -8.83 5.95 16.53
C ALA E 145 -9.45 6.50 15.28
N ARG E 146 -10.65 6.05 14.95
CA ARG E 146 -11.28 6.52 13.74
C ARG E 146 -11.80 7.93 13.91
N ILE E 147 -12.32 8.27 15.08
CA ILE E 147 -12.64 9.67 15.39
C ILE E 147 -11.46 10.58 15.09
N CYS E 148 -10.30 10.20 15.61
CA CYS E 148 -9.10 11.01 15.53
C CYS E 148 -8.55 11.14 14.12
N ARG E 149 -8.82 10.12 13.32
CA ARG E 149 -8.24 10.06 12.01
C ARG E 149 -9.15 10.91 11.13
N ASP E 150 -10.45 10.78 11.36
CA ASP E 150 -11.46 11.53 10.62
C ASP E 150 -11.25 13.01 10.79
N LEU E 151 -11.26 13.46 12.03
CA LEU E 151 -11.20 14.88 12.31
C LEU E 151 -9.88 15.51 11.89
N SER E 152 -8.88 14.70 11.58
CA SER E 152 -7.64 15.26 11.06
C SER E 152 -7.81 15.79 9.63
N HIS E 153 -8.89 15.43 8.97
CA HIS E 153 -9.18 15.99 7.65
C HIS E 153 -9.71 17.40 7.80
N ILE E 154 -10.27 17.66 8.96
CA ILE E 154 -11.03 18.86 9.26
C ILE E 154 -10.21 19.94 9.89
N GLY E 155 -9.43 19.56 10.90
CA GLY E 155 -8.67 20.51 11.68
C GLY E 155 -7.46 19.94 12.38
N ASP E 156 -6.80 20.79 13.17
CA ASP E 156 -5.58 20.42 13.86
C ASP E 156 -5.85 20.20 15.34
N ALA E 157 -7.02 20.61 15.80
CA ALA E 157 -7.41 20.43 17.20
C ALA E 157 -8.84 19.91 17.37
N VAL E 158 -9.03 18.99 18.33
CA VAL E 158 -10.35 18.45 18.62
C VAL E 158 -10.86 19.00 19.95
N VAL E 159 -12.15 19.27 20.02
CA VAL E 159 -12.73 19.71 21.29
C VAL E 159 -13.59 18.59 21.82
N ILE E 160 -13.23 18.07 22.99
CA ILE E 160 -14.03 17.02 23.59
C ILE E 160 -15.00 17.64 24.59
N SER E 161 -16.29 17.41 24.39
CA SER E 161 -17.33 17.98 25.24
C SER E 161 -18.10 16.86 25.83
N CYS E 162 -17.92 16.61 27.10
CA CYS E 162 -18.61 15.49 27.66
C CYS E 162 -19.63 15.87 28.72
N ALA E 163 -20.89 15.52 28.48
CA ALA E 163 -21.92 15.59 29.51
C ALA E 163 -22.51 14.19 29.60
N LYS E 164 -23.51 14.00 30.45
CA LYS E 164 -24.05 12.66 30.63
C LYS E 164 -24.88 12.29 29.40
N ASP E 165 -25.26 13.32 28.64
CA ASP E 165 -25.92 13.15 27.36
C ASP E 165 -25.15 12.17 26.43
N GLY E 166 -23.83 12.12 26.58
CA GLY E 166 -23.01 11.39 25.63
C GLY E 166 -21.73 12.17 25.43
N VAL E 167 -20.74 11.62 24.78
CA VAL E 167 -19.54 12.42 24.55
C VAL E 167 -19.45 12.87 23.07
N LYS E 168 -18.96 14.10 22.88
CA LYS E 168 -18.88 14.69 21.54
C LYS E 168 -17.47 15.22 21.23
N PHE E 169 -17.01 14.88 20.04
CA PHE E 169 -15.71 15.32 19.53
C PHE E 169 -15.89 16.32 18.40
N SER E 170 -15.26 17.47 18.50
CA SER E 170 -15.50 18.56 17.55
C SER E 170 -14.23 19.16 17.00
N ALA E 171 -14.26 19.57 15.73
CA ALA E 171 -13.15 20.28 15.11
C ALA E 171 -13.66 21.24 14.05
N SER E 172 -12.90 22.31 13.81
CA SER E 172 -13.25 23.27 12.76
C SER E 172 -12.00 23.74 12.03
N GLY E 173 -12.17 24.18 10.79
CA GLY E 173 -11.05 24.50 9.93
C GLY E 173 -11.49 25.34 8.74
N GLU E 174 -10.79 25.16 7.64
CA GLU E 174 -11.00 25.94 6.44
C GLU E 174 -12.29 25.54 5.77
N LEU E 175 -12.44 24.23 5.61
CA LEU E 175 -13.61 23.60 5.00
C LEU E 175 -14.91 23.96 5.69
N GLY E 176 -14.83 23.96 7.01
CA GLY E 176 -16.00 24.13 7.83
C GLY E 176 -15.66 23.35 9.06
N ASN E 177 -16.68 22.86 9.72
CA ASN E 177 -16.49 22.16 10.97
C ASN E 177 -17.24 20.82 11.01
N GLY E 178 -16.77 19.94 11.90
CA GLY E 178 -17.34 18.62 12.09
C GLY E 178 -17.59 18.18 13.55
N ASN E 179 -18.62 17.38 13.76
CA ASN E 179 -18.96 16.93 15.10
C ASN E 179 -19.41 15.47 15.15
N ILE E 180 -18.78 14.68 16.00
CA ILE E 180 -19.19 13.31 16.21
C ILE E 180 -19.70 13.12 17.61
N LYS E 181 -20.92 12.61 17.77
CA LYS E 181 -21.53 12.41 19.10
C LYS E 181 -21.74 10.91 19.35
N LEU E 182 -21.21 10.43 20.48
CA LEU E 182 -21.43 9.05 20.93
C LEU E 182 -22.36 9.07 22.13
N SER E 183 -23.27 8.11 22.26
CA SER E 183 -24.14 8.07 23.44
C SER E 183 -23.96 6.80 24.23
N GLN E 184 -24.46 6.75 25.46
CA GLN E 184 -24.24 5.59 26.29
C GLN E 184 -25.22 4.43 25.98
N THR E 185 -24.68 3.22 26.06
CA THR E 185 -25.30 1.99 25.55
C THR E 185 -26.15 1.10 26.49
N SER E 186 -26.71 0.05 25.89
CA SER E 186 -27.44 -1.04 26.58
C SER E 186 -26.91 -1.37 27.97
N GLU E 192 -17.67 -5.17 26.08
CA GLU E 192 -17.00 -5.43 24.81
C GLU E 192 -16.82 -4.14 24.00
N GLU E 193 -17.92 -3.71 23.38
CA GLU E 193 -17.98 -2.62 22.42
C GLU E 193 -18.85 -1.52 22.99
N ALA E 194 -19.21 -1.64 24.26
CA ALA E 194 -20.09 -0.65 24.85
C ALA E 194 -19.37 0.67 24.95
N VAL E 195 -20.13 1.74 24.98
CA VAL E 195 -19.61 3.05 25.31
C VAL E 195 -20.21 3.47 26.64
N THR E 196 -19.39 3.56 27.67
CA THR E 196 -19.90 3.92 28.97
C THR E 196 -19.22 5.19 29.46
N ILE E 197 -20.01 6.01 30.15
CA ILE E 197 -19.55 7.32 30.57
C ILE E 197 -19.80 7.51 32.03
N GLU E 198 -18.73 7.74 32.78
CA GLU E 198 -18.88 8.00 34.19
C GLU E 198 -18.62 9.48 34.33
N MET E 199 -19.66 10.22 34.67
CA MET E 199 -19.54 11.66 34.68
C MET E 199 -19.92 12.29 36.01
N ASN E 200 -19.00 13.06 36.54
CA ASN E 200 -19.23 13.79 37.78
C ASN E 200 -19.46 15.26 37.54
N GLU E 201 -18.97 15.75 36.42
CA GLU E 201 -19.05 17.15 36.07
C GLU E 201 -18.75 17.35 34.61
N PRO E 202 -19.61 18.08 33.90
CA PRO E 202 -19.40 18.32 32.47
C PRO E 202 -18.06 18.99 32.15
N VAL E 203 -17.35 18.47 31.15
CA VAL E 203 -16.10 19.06 30.70
C VAL E 203 -16.06 19.32 29.20
N GLN E 204 -15.38 20.41 28.84
CA GLN E 204 -15.10 20.76 27.46
C GLN E 204 -13.67 21.18 27.31
N LEU E 205 -12.87 20.33 26.69
CA LEU E 205 -11.47 20.62 26.51
C LEU E 205 -11.03 20.43 25.08
N THR E 206 -9.81 20.84 24.80
CA THR E 206 -9.28 20.95 23.45
C THR E 206 -7.90 20.34 23.38
N PHE E 207 -7.64 19.51 22.38
CA PHE E 207 -6.36 18.85 22.30
C PHE E 207 -5.83 18.85 20.87
N ALA E 208 -4.51 18.78 20.72
CA ALA E 208 -3.90 18.68 19.41
C ALA E 208 -4.15 17.30 18.83
N LEU E 209 -4.69 17.23 17.62
CA LEU E 209 -4.98 15.93 17.02
C LEU E 209 -3.71 15.18 16.60
N ARG E 210 -2.63 15.92 16.35
CA ARG E 210 -1.33 15.37 15.99
C ARG E 210 -0.84 14.38 17.03
N TYR E 211 -1.02 14.74 18.29
CA TYR E 211 -0.52 13.91 19.37
C TYR E 211 -1.38 12.69 19.61
N LEU E 212 -2.69 12.85 19.49
CA LEU E 212 -3.63 11.74 19.66
C LEU E 212 -3.43 10.64 18.63
N ASN E 213 -3.03 11.02 17.43
CA ASN E 213 -2.85 10.06 16.37
C ASN E 213 -1.66 9.17 16.62
N PHE E 214 -0.70 9.68 17.39
CA PHE E 214 0.39 8.86 17.86
C PHE E 214 -0.11 7.88 18.91
N PHE E 215 -1.01 8.33 19.77
CA PHE E 215 -1.48 7.51 20.85
C PHE E 215 -2.24 6.31 20.31
N THR E 216 -2.97 6.52 19.22
CA THR E 216 -3.84 5.48 18.71
C THR E 216 -3.03 4.36 18.05
N LYS E 217 -1.72 4.53 17.99
CA LYS E 217 -0.82 3.47 17.52
C LYS E 217 -0.77 2.34 18.53
N ALA E 218 -1.30 2.57 19.72
CA ALA E 218 -1.38 1.50 20.68
C ALA E 218 -2.64 0.69 20.49
N THR E 219 -3.44 1.07 19.50
CA THR E 219 -4.73 0.44 19.25
C THR E 219 -4.66 -1.08 19.16
N PRO E 220 -3.63 -1.63 18.49
CA PRO E 220 -3.68 -3.09 18.41
C PRO E 220 -3.46 -3.83 19.73
N LEU E 221 -3.19 -3.09 20.81
CA LEU E 221 -2.91 -3.69 22.10
C LEU E 221 -4.14 -4.02 22.90
N SER E 222 -5.25 -3.35 22.62
CA SER E 222 -6.42 -3.41 23.49
C SER E 222 -7.72 -3.09 22.75
N SER E 223 -8.78 -3.83 23.05
CA SER E 223 -10.09 -3.58 22.45
C SER E 223 -10.75 -2.31 22.97
N THR E 224 -10.37 -1.92 24.17
CA THR E 224 -11.02 -0.84 24.85
C THR E 224 -10.03 0.28 25.18
N VAL E 225 -10.48 1.52 25.12
CA VAL E 225 -9.65 2.65 25.52
C VAL E 225 -10.46 3.52 26.45
N THR E 226 -9.79 4.13 27.41
CA THR E 226 -10.47 5.02 28.32
C THR E 226 -9.86 6.41 28.21
N LEU E 227 -10.72 7.43 28.20
CA LEU E 227 -10.23 8.79 28.24
C LEU E 227 -10.66 9.40 29.55
N SER E 228 -9.72 10.07 30.23
CA SER E 228 -9.97 10.68 31.53
C SER E 228 -9.67 12.14 31.45
N MET E 229 -10.63 12.96 31.86
CA MET E 229 -10.48 14.40 31.78
C MET E 229 -10.91 15.17 33.00
N SER E 230 -10.22 16.27 33.25
CA SER E 230 -10.76 17.31 34.09
C SER E 230 -10.30 18.61 33.56
N ALA E 231 -11.04 19.67 33.85
CA ALA E 231 -10.61 20.98 33.45
C ALA E 231 -9.37 21.23 34.28
N ASP E 232 -8.35 21.77 33.63
CA ASP E 232 -7.07 22.08 34.25
C ASP E 232 -6.27 20.86 34.74
N VAL E 233 -6.40 19.70 34.08
CA VAL E 233 -5.44 18.58 34.24
C VAL E 233 -5.20 17.88 32.89
N PRO E 234 -4.05 17.20 32.73
CA PRO E 234 -3.81 16.53 31.45
C PRO E 234 -4.80 15.40 31.20
N LEU E 235 -5.13 15.16 29.94
CA LEU E 235 -5.91 14.00 29.56
C LEU E 235 -5.12 12.70 29.72
N VAL E 236 -5.78 11.64 30.15
CA VAL E 236 -5.16 10.33 30.15
C VAL E 236 -5.82 9.44 29.13
N VAL E 237 -5.08 9.00 28.11
CA VAL E 237 -5.59 8.02 27.17
C VAL E 237 -4.98 6.68 27.53
N GLU E 238 -5.79 5.73 27.95
CA GLU E 238 -5.24 4.52 28.53
C GLU E 238 -5.62 3.23 27.80
N TYR E 239 -4.62 2.47 27.43
CA TYR E 239 -4.81 1.16 26.83
C TYR E 239 -4.39 0.06 27.80
N LYS E 240 -5.20 -0.99 27.92
CA LYS E 240 -4.89 -2.04 28.86
C LYS E 240 -4.36 -3.26 28.11
N ILE E 241 -3.13 -3.64 28.44
CA ILE E 241 -2.53 -4.84 27.91
C ILE E 241 -3.00 -5.98 28.75
N ALA E 242 -3.55 -7.02 28.14
CA ALA E 242 -4.30 -7.96 28.96
C ALA E 242 -3.42 -8.77 29.92
N ASP E 243 -3.76 -8.66 31.20
CA ASP E 243 -3.20 -9.54 32.23
C ASP E 243 -1.81 -9.11 32.59
N MET E 244 -1.30 -8.09 31.93
CA MET E 244 0.06 -7.74 32.18
C MET E 244 0.25 -6.33 32.68
N GLY E 245 -0.43 -5.38 32.09
CA GLY E 245 -0.12 -4.02 32.42
C GLY E 245 -0.91 -3.10 31.54
N HIS E 246 -0.40 -1.89 31.37
CA HIS E 246 -1.10 -0.89 30.62
C HIS E 246 -0.17 0.14 30.00
N LEU E 247 -0.72 0.93 29.08
CA LEU E 247 -0.01 2.00 28.43
C LEU E 247 -0.82 3.27 28.61
N LYS E 248 -0.29 4.26 29.31
CA LYS E 248 -1.01 5.52 29.49
C LYS E 248 -0.32 6.62 28.72
N TYR E 249 -1.06 7.39 27.93
CA TYR E 249 -0.51 8.58 27.30
C TYR E 249 -1.12 9.81 27.93
N TYR E 250 -0.32 10.82 28.19
CA TYR E 250 -0.81 12.05 28.83
C TYR E 250 -0.63 13.22 27.89
N LEU E 251 -1.63 14.09 27.80
CA LEU E 251 -1.57 15.21 26.88
C LEU E 251 -2.12 16.49 27.50
N ALA E 252 -1.38 17.57 27.34
CA ALA E 252 -1.81 18.84 27.88
C ALA E 252 -2.83 19.50 26.94
N PRO E 253 -3.95 19.98 27.50
CA PRO E 253 -4.95 20.71 26.72
C PRO E 253 -4.44 22.01 26.12
N LYS E 254 -5.22 22.60 25.23
CA LYS E 254 -4.89 23.83 24.54
C LYS E 254 -5.62 24.95 25.27
N ILE E 255 -5.25 26.21 24.98
CA ILE E 255 -5.70 27.41 25.71
C ILE E 255 -5.70 27.18 27.21
N SER F 3 -7.27 30.03 20.90
CA SER F 3 -6.19 29.22 20.34
C SER F 3 -4.89 29.50 21.09
N HIS F 4 -4.25 28.42 21.56
CA HIS F 4 -3.11 28.47 22.49
C HIS F 4 -2.65 27.03 22.80
N GLN F 5 -1.60 26.91 23.62
CA GLN F 5 -1.16 25.61 24.15
C GLN F 5 0.09 25.66 25.03
N ASN F 6 0.23 24.70 25.95
CA ASN F 6 1.37 24.67 26.86
C ASN F 6 2.17 23.37 26.79
N VAL F 7 2.79 22.99 27.92
CA VAL F 7 3.56 21.75 28.07
C VAL F 7 3.06 20.94 29.24
N LEU F 8 3.65 19.77 29.46
CA LEU F 8 3.16 18.83 30.47
C LEU F 8 3.88 19.01 31.78
N SER F 9 4.78 19.99 31.82
CA SER F 9 5.53 20.30 33.02
C SER F 9 4.65 20.98 34.06
N ASN F 10 3.77 21.86 33.57
CA ASN F 10 2.95 22.76 34.40
C ASN F 10 1.80 22.07 35.15
N TYR F 11 1.85 20.75 35.24
CA TYR F 11 0.80 19.96 35.90
C TYR F 11 1.23 18.93 36.95
N PHE F 12 2.39 18.33 36.75
CA PHE F 12 2.84 17.19 37.56
C PHE F 12 4.08 17.50 38.40
N PRO F 13 4.10 16.96 39.62
CA PRO F 13 5.27 17.12 40.49
C PRO F 13 6.49 16.40 39.91
#